data_8EIM
#
_entry.id   8EIM
#
_cell.length_a   79.280
_cell.length_b   99.550
_cell.length_c   120.260
_cell.angle_alpha   90.000
_cell.angle_beta   90.000
_cell.angle_gamma   90.000
#
_symmetry.space_group_name_H-M   'P 21 21 21'
#
loop_
_entity.id
_entity.type
_entity.pdbx_description
1 polymer '5-aminolevulinate synthase, mitochondrial'
2 non-polymer "PYRIDOXAL-5'-PHOSPHATE"
3 non-polymer GLYCEROL
4 non-polymer 'ACETATE ION'
5 water water
#
_entity_poly.entity_id   1
_entity_poly.type   'polypeptide(L)'
_entity_poly.pdbx_seq_one_letter_code
;AAAAANHSTQESGFDYEGLIDSELQKKRLDKSYRYFNNINRLAKEFPLAHRQREADKVTVWCSNDYLALSKHPEVLDAMH
KTIDKYGCGAGGTRNIAGHNIPTLNLEAELATLHKKEGALVFSSCYVANDAVLSLLGQKMKDLVIFSDELNHASMIVGIK
HANVKKHIFKHNDLNELEQLLQSYPKSVPKLIAFESVYSMAGSVADIEKICDLADKYGALTFLDEVHAVGLYGPHGAGVA
EHCDFESHRASGIATPKTNDKGGAKTVMDRVDMITGTLGKSFGSVGGYVAASRKLIDWFRSFAPGFIFTTTLPPSVMAGA
TAAIRYQRCHIDLRTSQQKHTMYVKKAFHELGIPVIPNPSHIVPVLIGNADLAKQASDILINKHQIYVQAINFPTVARGT
ERLRITPTPGHTNDLSDILINAVDDVFNELQLPRVRDWESQGGLLGVGESGFVEESNLWTSSQLSLTNDDLNPNVRD
;
_entity_poly.pdbx_strand_id   A,B
#
loop_
_chem_comp.id
_chem_comp.type
_chem_comp.name
_chem_comp.formula
ACT non-polymer 'ACETATE ION' 'C2 H3 O2 -1'
GOL non-polymer GLYCEROL 'C3 H8 O3'
PLP non-polymer PYRIDOXAL-5'-PHOSPHATE 'C8 H10 N O6 P'
#
# COMPACT_ATOMS: atom_id res chain seq x y z
N GLU A 11 4.91 33.14 26.00
CA GLU A 11 4.20 32.77 24.76
C GLU A 11 3.69 31.32 24.86
N SER A 12 2.51 31.06 24.33
CA SER A 12 1.91 29.73 24.37
C SER A 12 2.36 28.92 23.16
N GLY A 13 1.83 27.70 23.04
CA GLY A 13 2.20 26.78 21.96
C GLY A 13 1.60 27.20 20.62
N PHE A 14 2.07 26.54 19.57
CA PHE A 14 1.50 26.69 18.24
C PHE A 14 0.03 26.28 18.24
N ASP A 15 -0.78 27.03 17.48
CA ASP A 15 -2.20 26.72 17.38
C ASP A 15 -2.46 25.60 16.36
N TYR A 16 -2.19 24.35 16.73
CA TYR A 16 -2.38 23.25 15.80
C TYR A 16 -3.83 23.17 15.33
N GLU A 17 -4.74 23.24 16.28
CA GLU A 17 -6.17 23.13 16.02
C GLU A 17 -6.64 24.24 15.07
N GLY A 18 -6.13 25.46 15.26
CA GLY A 18 -6.52 26.59 14.43
C GLY A 18 -6.10 26.40 12.97
N LEU A 19 -4.91 25.85 12.78
CA LEU A 19 -4.41 25.53 11.46
C LEU A 19 -5.31 24.50 10.79
N ILE A 20 -5.55 23.38 11.50
CA ILE A 20 -6.36 22.31 10.94
C ILE A 20 -7.75 22.84 10.59
N ASP A 21 -8.39 23.56 11.51
CA ASP A 21 -9.75 24.07 11.30
C ASP A 21 -9.83 24.94 10.06
N SER A 22 -8.80 25.77 9.84
CA SER A 22 -8.84 26.71 8.73
C SER A 22 -8.61 25.93 7.42
N GLU A 23 -7.71 24.94 7.42
CA GLU A 23 -7.54 24.07 6.27
C GLU A 23 -8.85 23.34 5.94
N LEU A 24 -9.51 22.81 6.98
CA LEU A 24 -10.71 22.00 6.79
C LEU A 24 -11.88 22.84 6.31
N GLN A 25 -11.95 24.12 6.75
CA GLN A 25 -13.04 25.02 6.37
C GLN A 25 -13.10 25.23 4.86
N LYS A 26 -12.00 24.94 4.16
CA LYS A 26 -11.90 25.04 2.72
C LYS A 26 -12.46 23.78 2.05
N LYS A 27 -12.52 22.67 2.81
CA LYS A 27 -13.03 21.39 2.31
C LYS A 27 -14.50 21.26 2.68
N ARG A 28 -15.19 20.38 1.95
CA ARG A 28 -16.64 20.41 1.85
C ARG A 28 -17.24 19.36 2.80
N LEU A 29 -16.60 19.17 3.96
CA LEU A 29 -16.81 17.99 4.81
C LEU A 29 -17.99 18.20 5.76
N ASP A 30 -19.13 17.59 5.46
CA ASP A 30 -20.22 17.57 6.42
C ASP A 30 -19.94 16.45 7.44
N LYS A 31 -20.77 16.40 8.49
CA LYS A 31 -20.35 15.90 9.78
C LYS A 31 -20.94 14.51 9.97
N SER A 32 -20.12 13.59 10.47
CA SER A 32 -20.55 12.22 10.74
C SER A 32 -20.13 11.76 12.15
N TYR A 33 -19.44 12.62 12.91
CA TYR A 33 -18.94 12.27 14.22
C TYR A 33 -19.85 12.87 15.28
N ARG A 34 -20.16 12.11 16.33
CA ARG A 34 -21.00 12.62 17.41
C ARG A 34 -20.63 11.93 18.73
N TYR A 35 -20.96 12.60 19.83
CA TYR A 35 -20.68 12.11 21.17
C TYR A 35 -21.67 10.99 21.49
N PHE A 36 -21.13 9.91 22.05
CA PHE A 36 -21.90 8.74 22.45
C PHE A 36 -21.65 8.54 23.94
N ASN A 37 -22.74 8.65 24.72
CA ASN A 37 -22.71 8.48 26.15
C ASN A 37 -22.05 7.16 26.55
N ASN A 38 -22.35 6.04 25.87
CA ASN A 38 -21.86 4.72 26.23
C ASN A 38 -20.33 4.64 26.17
N ILE A 39 -19.68 5.38 25.25
CA ILE A 39 -18.22 5.34 25.15
C ILE A 39 -17.60 6.62 25.72
N ASN A 40 -18.39 7.64 25.98
CA ASN A 40 -17.87 8.86 26.60
C ASN A 40 -16.81 9.50 25.70
N ARG A 41 -17.13 9.63 24.41
CA ARG A 41 -16.26 10.24 23.41
C ARG A 41 -17.02 10.28 22.08
N LEU A 42 -16.46 11.01 21.10
CA LEU A 42 -17.03 11.07 19.76
C LEU A 42 -16.67 9.78 19.03
N ALA A 43 -17.56 9.38 18.12
CA ALA A 43 -17.29 8.30 17.17
C ALA A 43 -18.02 8.61 15.87
N LYS A 44 -17.65 7.88 14.83
CA LYS A 44 -18.28 8.05 13.53
C LYS A 44 -19.62 7.33 13.53
N GLU A 45 -20.66 8.02 13.06
CA GLU A 45 -22.02 7.49 13.06
C GLU A 45 -22.23 6.73 11.76
N PHE A 46 -22.76 5.50 11.89
CA PHE A 46 -22.85 4.54 10.79
C PHE A 46 -23.91 4.94 9.76
N PRO A 47 -23.89 4.36 8.55
CA PRO A 47 -24.89 4.65 7.52
C PRO A 47 -26.33 4.39 7.98
N ASP A 56 -27.53 0.59 -4.18
CA ASP A 56 -28.84 -0.06 -4.48
C ASP A 56 -28.68 -0.84 -5.79
N LYS A 57 -29.78 -0.97 -6.56
CA LYS A 57 -29.76 -1.67 -7.84
C LYS A 57 -29.29 -0.73 -8.95
N VAL A 58 -27.97 -0.54 -9.04
CA VAL A 58 -27.38 0.46 -9.92
C VAL A 58 -26.41 -0.22 -10.88
N THR A 59 -26.51 0.13 -12.17
CA THR A 59 -25.54 -0.32 -13.15
C THR A 59 -24.30 0.57 -13.08
N VAL A 60 -23.17 -0.02 -12.75
CA VAL A 60 -21.90 0.69 -12.65
C VAL A 60 -21.30 0.78 -14.06
N TRP A 61 -21.09 2.02 -14.49
CA TRP A 61 -20.58 2.31 -15.83
C TRP A 61 -19.23 3.01 -15.77
N CYS A 62 -18.71 3.15 -14.55
CA CYS A 62 -17.39 3.71 -14.34
C CYS A 62 -16.74 2.92 -13.21
N SER A 63 -15.70 2.19 -13.56
CA SER A 63 -15.07 1.26 -12.65
C SER A 63 -13.68 0.97 -13.15
N ASN A 64 -12.78 0.70 -12.21
CA ASN A 64 -11.43 0.28 -12.54
C ASN A 64 -11.35 -1.24 -12.70
N ASP A 65 -12.45 -1.94 -12.41
CA ASP A 65 -12.52 -3.39 -12.55
C ASP A 65 -12.88 -3.75 -13.99
N TYR A 66 -11.93 -3.45 -14.88
CA TYR A 66 -12.17 -3.30 -16.31
C TYR A 66 -12.67 -4.58 -16.96
N LEU A 67 -12.23 -5.75 -16.46
CA LEU A 67 -12.60 -7.03 -17.01
C LEU A 67 -13.59 -7.78 -16.10
N ALA A 68 -14.12 -7.10 -15.08
CA ALA A 68 -14.98 -7.69 -14.08
C ALA A 68 -14.37 -8.94 -13.42
N LEU A 69 -13.04 -9.04 -13.35
CA LEU A 69 -12.41 -10.25 -12.79
C LEU A 69 -12.44 -10.33 -11.24
N SER A 70 -12.76 -9.23 -10.54
CA SER A 70 -12.75 -9.25 -9.07
C SER A 70 -13.81 -10.19 -8.53
N LYS A 71 -14.82 -10.50 -9.37
CA LYS A 71 -15.95 -11.34 -8.99
C LYS A 71 -15.99 -12.62 -9.82
N HIS A 72 -14.94 -12.89 -10.60
CA HIS A 72 -14.91 -14.06 -11.45
C HIS A 72 -14.65 -15.30 -10.60
N PRO A 73 -15.39 -16.41 -10.86
CA PRO A 73 -15.26 -17.66 -10.12
C PRO A 73 -13.84 -18.22 -9.96
N GLU A 74 -13.02 -18.16 -11.01
CA GLU A 74 -11.67 -18.66 -10.91
C GLU A 74 -10.87 -17.86 -9.89
N VAL A 75 -11.14 -16.55 -9.81
CA VAL A 75 -10.45 -15.70 -8.86
C VAL A 75 -10.95 -15.97 -7.44
N LEU A 76 -12.27 -16.06 -7.26
CA LEU A 76 -12.84 -16.30 -5.94
C LEU A 76 -12.44 -17.70 -5.45
N ASP A 77 -12.39 -18.67 -6.37
CA ASP A 77 -11.99 -20.03 -6.03
C ASP A 77 -10.54 -20.09 -5.58
N ALA A 78 -9.66 -19.38 -6.30
CA ALA A 78 -8.24 -19.32 -5.93
C ALA A 78 -8.09 -18.71 -4.54
N MET A 79 -8.88 -17.67 -4.24
CA MET A 79 -8.88 -17.03 -2.93
C MET A 79 -9.29 -18.02 -1.83
N HIS A 80 -10.48 -18.61 -1.96
CA HIS A 80 -11.02 -19.50 -0.93
C HIS A 80 -10.05 -20.64 -0.64
N LYS A 81 -9.48 -21.22 -1.70
CA LYS A 81 -8.58 -22.34 -1.56
C LYS A 81 -7.26 -21.93 -0.92
N THR A 82 -6.77 -20.73 -1.24
CA THR A 82 -5.52 -20.28 -0.66
C THR A 82 -5.69 -20.01 0.83
N ILE A 83 -6.82 -19.39 1.21
CA ILE A 83 -7.16 -19.21 2.62
C ILE A 83 -7.16 -20.54 3.36
N ASP A 84 -7.76 -21.59 2.77
CA ASP A 84 -7.79 -22.90 3.42
C ASP A 84 -6.36 -23.37 3.71
N LYS A 85 -5.44 -23.14 2.76
CA LYS A 85 -4.07 -23.62 2.92
C LYS A 85 -3.25 -22.72 3.84
N TYR A 86 -3.39 -21.39 3.68
CA TYR A 86 -2.42 -20.42 4.18
C TYR A 86 -2.99 -19.51 5.28
N GLY A 87 -4.32 -19.37 5.37
CA GLY A 87 -4.91 -18.41 6.29
C GLY A 87 -5.06 -17.04 5.66
N CYS A 88 -4.95 -15.97 6.48
CA CYS A 88 -5.22 -14.61 6.06
C CYS A 88 -3.89 -13.94 5.69
N GLY A 89 -3.13 -13.44 6.66
CA GLY A 89 -1.96 -12.63 6.36
C GLY A 89 -0.73 -13.45 6.03
N ALA A 90 0.26 -12.82 5.39
CA ALA A 90 1.56 -13.40 5.11
C ALA A 90 2.36 -13.70 6.38
N GLY A 91 2.14 -12.91 7.44
CA GLY A 91 2.79 -13.13 8.73
C GLY A 91 2.61 -14.54 9.29
N GLY A 92 1.50 -15.23 8.96
CA GLY A 92 1.25 -16.57 9.48
C GLY A 92 1.91 -17.70 8.68
N THR A 93 2.71 -17.36 7.67
CA THR A 93 3.37 -18.31 6.79
C THR A 93 4.89 -18.14 6.93
N ARG A 94 5.66 -19.23 6.81
CA ARG A 94 7.11 -19.11 6.73
C ARG A 94 7.61 -19.43 5.31
N ASN A 95 7.01 -20.44 4.67
CA ASN A 95 7.25 -20.73 3.25
C ASN A 95 6.34 -19.83 2.41
N HIS A 99 10.73 -15.31 0.74
CA HIS A 99 9.46 -15.34 -0.04
C HIS A 99 8.69 -16.62 0.23
N ASN A 100 7.41 -16.59 -0.12
CA ASN A 100 6.51 -17.73 -0.05
C ASN A 100 6.16 -18.17 -1.47
N ILE A 101 5.51 -19.32 -1.58
CA ILE A 101 5.17 -19.86 -2.90
C ILE A 101 4.19 -18.95 -3.63
N PRO A 102 3.12 -18.41 -2.99
CA PRO A 102 2.20 -17.50 -3.67
C PRO A 102 2.86 -16.24 -4.25
N THR A 103 3.94 -15.76 -3.59
CA THR A 103 4.71 -14.65 -4.10
C THR A 103 5.45 -15.06 -5.38
N LEU A 104 6.14 -16.21 -5.33
CA LEU A 104 6.88 -16.70 -6.49
C LEU A 104 5.92 -16.92 -7.65
N ASN A 105 4.76 -17.53 -7.37
CA ASN A 105 3.78 -17.77 -8.41
C ASN A 105 3.36 -16.47 -9.07
N LEU A 106 3.05 -15.45 -8.25
CA LEU A 106 2.56 -14.19 -8.79
C LEU A 106 3.66 -13.47 -9.57
N GLU A 107 4.89 -13.45 -9.05
CA GLU A 107 6.00 -12.79 -9.72
C GLU A 107 6.27 -13.48 -11.06
N ALA A 108 6.27 -14.81 -11.07
CA ALA A 108 6.50 -15.58 -12.28
C ALA A 108 5.42 -15.24 -13.32
N GLU A 109 4.17 -15.11 -12.90
CA GLU A 109 3.07 -14.82 -13.80
C GLU A 109 3.27 -13.45 -14.44
N LEU A 110 3.66 -12.46 -13.62
CA LEU A 110 3.85 -11.10 -14.09
C LEU A 110 5.07 -10.99 -15.03
N ALA A 111 6.17 -11.66 -14.67
CA ALA A 111 7.34 -11.73 -15.54
C ALA A 111 6.94 -12.37 -16.87
N THR A 112 6.15 -13.47 -16.82
CA THR A 112 5.66 -14.13 -18.03
C THR A 112 4.79 -13.18 -18.85
N LEU A 113 3.89 -12.45 -18.19
CA LEU A 113 2.98 -11.56 -18.91
C LEU A 113 3.78 -10.57 -19.76
N HIS A 114 4.80 -9.95 -19.16
CA HIS A 114 5.53 -8.87 -19.79
C HIS A 114 6.76 -9.42 -20.50
N LYS A 115 6.95 -10.74 -20.47
CA LYS A 115 8.12 -11.39 -21.08
C LYS A 115 9.42 -10.74 -20.58
N LYS A 116 9.48 -10.44 -19.28
CA LYS A 116 10.67 -9.93 -18.63
C LYS A 116 11.34 -11.04 -17.85
N GLU A 117 12.62 -10.84 -17.52
CA GLU A 117 13.37 -11.80 -16.74
C GLU A 117 12.80 -11.96 -15.34
N GLY A 118 12.27 -10.88 -14.76
CA GLY A 118 11.77 -10.90 -13.40
C GLY A 118 10.69 -9.87 -13.16
N ALA A 119 10.09 -9.96 -11.97
CA ALA A 119 9.09 -9.03 -11.50
C ALA A 119 9.12 -8.96 -9.97
N LEU A 120 8.65 -7.82 -9.46
CA LEU A 120 8.64 -7.61 -8.03
C LEU A 120 7.31 -6.98 -7.67
N VAL A 121 6.69 -7.51 -6.61
CA VAL A 121 5.37 -7.10 -6.19
C VAL A 121 5.52 -6.18 -4.98
N PHE A 122 4.75 -5.10 -4.99
CA PHE A 122 4.69 -4.10 -3.93
C PHE A 122 3.25 -4.00 -3.44
N SER A 123 3.04 -3.23 -2.37
CA SER A 123 1.74 -3.00 -1.75
C SER A 123 0.71 -2.50 -2.76
N SER A 124 1.17 -1.69 -3.69
CA SER A 124 0.32 -0.91 -4.57
C SER A 124 1.19 -0.43 -5.72
N CYS A 125 0.59 -0.02 -6.84
CA CYS A 125 1.36 0.56 -7.94
C CYS A 125 1.86 1.95 -7.56
N TYR A 126 1.17 2.63 -6.62
CA TYR A 126 1.65 3.90 -6.08
C TYR A 126 3.03 3.67 -5.48
N VAL A 127 3.14 2.66 -4.60
CA VAL A 127 4.37 2.36 -3.91
C VAL A 127 5.42 1.87 -4.92
N ALA A 128 5.01 1.05 -5.90
CA ALA A 128 5.95 0.58 -6.93
C ALA A 128 6.59 1.76 -7.68
N ASN A 129 5.75 2.70 -8.13
CA ASN A 129 6.20 3.87 -8.87
C ASN A 129 7.16 4.68 -8.00
N ASP A 130 6.75 4.95 -6.76
CA ASP A 130 7.52 5.77 -5.84
C ASP A 130 8.85 5.09 -5.50
N ALA A 131 8.82 3.79 -5.20
CA ALA A 131 10.01 3.06 -4.77
C ALA A 131 11.03 2.99 -5.91
N VAL A 132 10.58 2.74 -7.13
CA VAL A 132 11.51 2.62 -8.26
C VAL A 132 12.14 3.98 -8.62
N LEU A 133 11.30 4.97 -8.89
CA LEU A 133 11.74 6.30 -9.25
C LEU A 133 12.64 6.88 -8.17
N SER A 134 12.25 6.75 -6.88
CA SER A 134 13.08 7.20 -5.77
C SER A 134 14.45 6.55 -5.81
N LEU A 135 14.52 5.24 -6.05
CA LEU A 135 15.79 4.54 -5.99
C LEU A 135 16.68 4.95 -7.17
N LEU A 136 16.11 5.15 -8.37
CA LEU A 136 16.93 5.52 -9.51
C LEU A 136 17.64 6.86 -9.24
N GLY A 137 16.90 7.83 -8.68
CA GLY A 137 17.44 9.12 -8.36
C GLY A 137 18.38 9.09 -7.17
N GLN A 138 18.13 8.24 -6.17
CA GLN A 138 19.04 8.15 -5.04
C GLN A 138 20.40 7.58 -5.45
N LYS A 139 20.41 6.67 -6.44
CA LYS A 139 21.65 5.98 -6.79
C LYS A 139 22.36 6.68 -7.95
N MET A 140 21.61 7.41 -8.79
CA MET A 140 22.17 8.25 -9.82
C MET A 140 21.77 9.71 -9.59
N LYS A 141 22.53 10.44 -8.75
CA LYS A 141 22.26 11.84 -8.42
C LYS A 141 22.21 12.75 -9.66
N ASP A 142 22.92 12.40 -10.73
CA ASP A 142 22.98 13.23 -11.93
C ASP A 142 21.95 12.82 -12.99
N LEU A 143 21.07 11.89 -12.62
CA LEU A 143 19.99 11.48 -13.50
C LEU A 143 19.15 12.71 -13.86
N VAL A 144 18.73 12.75 -15.11
CA VAL A 144 17.74 13.71 -15.57
C VAL A 144 16.51 12.93 -15.99
N ILE A 145 15.37 13.29 -15.41
CA ILE A 145 14.10 12.65 -15.69
C ILE A 145 13.32 13.55 -16.62
N PHE A 146 12.79 12.93 -17.68
CA PHE A 146 11.93 13.61 -18.65
C PHE A 146 10.54 12.98 -18.50
N SER A 147 9.57 13.80 -18.12
CA SER A 147 8.31 13.32 -17.58
C SER A 147 7.18 13.94 -18.39
N ASP A 148 6.19 13.12 -18.79
CA ASP A 148 5.03 13.60 -19.51
C ASP A 148 4.20 14.47 -18.56
N GLU A 149 3.68 15.60 -19.04
CA GLU A 149 2.98 16.50 -18.14
C GLU A 149 1.75 15.86 -17.49
N LEU A 150 1.14 14.80 -18.08
CA LEU A 150 -0.08 14.28 -17.50
C LEU A 150 0.16 13.00 -16.73
N ASN A 151 1.41 12.71 -16.36
CA ASN A 151 1.72 11.53 -15.57
C ASN A 151 0.92 11.55 -14.26
N HIS A 152 0.54 10.35 -13.78
CA HIS A 152 -0.20 10.14 -12.54
C HIS A 152 0.55 10.73 -11.34
N ALA A 153 -0.20 11.12 -10.30
CA ALA A 153 0.38 11.72 -9.10
C ALA A 153 1.43 10.81 -8.48
N SER A 154 1.27 9.49 -8.55
CA SER A 154 2.24 8.58 -7.95
C SER A 154 3.60 8.71 -8.64
N MET A 155 3.59 9.00 -9.95
CA MET A 155 4.83 9.19 -10.69
C MET A 155 5.45 10.55 -10.35
N ILE A 156 4.61 11.57 -10.25
CA ILE A 156 5.07 12.88 -9.86
C ILE A 156 5.76 12.79 -8.50
N VAL A 157 5.18 12.07 -7.54
CA VAL A 157 5.72 11.98 -6.19
C VAL A 157 7.01 11.16 -6.22
N GLY A 158 7.06 10.11 -7.04
CA GLY A 158 8.26 9.30 -7.21
C GLY A 158 9.42 10.17 -7.71
N ILE A 159 9.12 11.01 -8.70
CA ILE A 159 10.14 11.84 -9.34
C ILE A 159 10.62 12.90 -8.32
N LYS A 160 9.69 13.49 -7.58
CA LYS A 160 10.03 14.39 -6.50
C LYS A 160 10.94 13.72 -5.46
N HIS A 161 10.58 12.51 -5.05
CA HIS A 161 11.35 11.77 -4.05
C HIS A 161 12.71 11.33 -4.59
N ALA A 162 12.84 11.26 -5.92
CA ALA A 162 14.14 11.00 -6.52
C ALA A 162 15.14 12.15 -6.24
N ASN A 163 14.64 13.38 -6.08
CA ASN A 163 15.48 14.55 -5.85
C ASN A 163 16.53 14.70 -6.93
N VAL A 164 16.10 14.62 -8.20
CA VAL A 164 16.98 14.81 -9.34
C VAL A 164 16.28 15.79 -10.27
N LYS A 165 17.00 16.21 -11.30
CA LYS A 165 16.43 17.17 -12.22
C LYS A 165 15.34 16.49 -13.02
N LYS A 166 14.29 17.28 -13.29
CA LYS A 166 13.11 16.87 -14.02
C LYS A 166 12.81 17.92 -15.09
N HIS A 167 12.55 17.48 -16.30
CA HIS A 167 11.94 18.30 -17.33
C HIS A 167 10.59 17.69 -17.73
N ILE A 168 9.56 18.54 -17.75
CA ILE A 168 8.22 18.15 -18.12
C ILE A 168 8.04 18.44 -19.60
N PHE A 169 7.60 17.44 -20.39
CA PHE A 169 7.26 17.71 -21.78
C PHE A 169 5.74 17.70 -21.93
N LYS A 170 5.26 18.55 -22.84
CA LYS A 170 3.84 18.64 -23.14
C LYS A 170 3.34 17.24 -23.51
N HIS A 171 2.10 16.98 -23.11
CA HIS A 171 1.51 15.66 -23.17
C HIS A 171 1.67 15.07 -24.57
N ASN A 172 2.45 13.97 -24.65
CA ASN A 172 2.64 13.19 -25.88
C ASN A 172 3.37 13.98 -26.96
N ASP A 173 3.96 15.13 -26.61
CA ASP A 173 4.64 15.95 -27.60
C ASP A 173 6.11 15.50 -27.69
N LEU A 174 6.37 14.61 -28.65
CA LEU A 174 7.64 13.91 -28.75
C LEU A 174 8.66 14.77 -29.48
N ASN A 175 8.18 15.82 -30.17
CA ASN A 175 9.03 16.87 -30.69
C ASN A 175 9.67 17.59 -29.50
N GLU A 176 8.87 17.98 -28.51
CA GLU A 176 9.39 18.65 -27.33
C GLU A 176 10.29 17.71 -26.52
N LEU A 177 9.90 16.44 -26.39
CA LEU A 177 10.74 15.48 -25.69
C LEU A 177 12.11 15.40 -26.34
N GLU A 178 12.16 15.26 -27.67
CA GLU A 178 13.43 15.11 -28.38
C GLU A 178 14.32 16.35 -28.19
N GLN A 179 13.76 17.56 -28.31
CA GLN A 179 14.49 18.80 -28.08
C GLN A 179 15.14 18.80 -26.69
N LEU A 180 14.40 18.37 -25.65
CA LEU A 180 14.94 18.32 -24.30
C LEU A 180 16.06 17.28 -24.19
N LEU A 181 15.87 16.10 -24.81
CA LEU A 181 16.84 15.02 -24.73
C LEU A 181 18.14 15.39 -25.47
N GLN A 182 18.00 16.09 -26.60
CA GLN A 182 19.12 16.32 -27.51
C GLN A 182 20.01 17.42 -26.95
N SER A 183 19.47 18.21 -26.01
CA SER A 183 20.20 19.33 -25.44
C SER A 183 21.23 18.80 -24.46
N TYR A 184 21.15 17.54 -24.05
CA TYR A 184 22.11 16.98 -23.11
C TYR A 184 23.12 16.15 -23.90
N PRO A 185 24.36 15.93 -23.40
CA PRO A 185 25.23 14.92 -23.97
C PRO A 185 24.64 13.53 -23.76
N LYS A 186 24.98 12.59 -24.64
CA LYS A 186 24.49 11.22 -24.59
C LYS A 186 24.90 10.55 -23.28
N SER A 187 26.07 10.92 -22.71
CA SER A 187 26.64 10.21 -21.56
C SER A 187 25.97 10.57 -20.25
N VAL A 188 25.17 11.65 -20.23
CA VAL A 188 24.37 12.00 -19.06
C VAL A 188 23.28 10.95 -18.87
N PRO A 189 23.19 10.33 -17.68
CA PRO A 189 22.11 9.38 -17.40
C PRO A 189 20.73 10.05 -17.49
N LYS A 190 19.78 9.36 -18.13
CA LYS A 190 18.45 9.88 -18.36
C LYS A 190 17.39 8.80 -18.15
N LEU A 191 16.20 9.26 -17.80
CA LEU A 191 15.01 8.44 -17.70
C LEU A 191 13.85 9.18 -18.34
N ILE A 192 13.13 8.49 -19.24
CA ILE A 192 11.86 8.96 -19.75
C ILE A 192 10.73 8.21 -19.02
N ALA A 193 9.83 8.95 -18.36
CA ALA A 193 8.80 8.40 -17.52
C ALA A 193 7.46 8.82 -18.11
N PHE A 194 6.61 7.82 -18.41
CA PHE A 194 5.35 8.05 -19.09
C PHE A 194 4.41 6.87 -18.85
N GLU A 195 3.15 7.08 -19.19
CA GLU A 195 2.13 6.05 -19.12
C GLU A 195 1.81 5.57 -20.55
N SER A 196 1.27 4.36 -20.67
CA SER A 196 0.81 3.88 -21.95
C SER A 196 -0.56 4.47 -22.26
N VAL A 197 -1.51 4.29 -21.32
CA VAL A 197 -2.83 4.91 -21.42
C VAL A 197 -3.03 5.90 -20.26
N TYR A 198 -3.53 7.09 -20.61
CA TYR A 198 -3.85 8.13 -19.65
C TYR A 198 -5.34 8.13 -19.39
N SER A 199 -5.73 7.96 -18.11
CA SER A 199 -7.05 7.46 -17.76
C SER A 199 -8.15 8.49 -17.98
N MET A 200 -7.84 9.79 -17.95
CA MET A 200 -8.92 10.77 -17.91
C MET A 200 -9.41 11.17 -19.30
N ALA A 201 -8.58 11.01 -20.35
CA ALA A 201 -9.02 11.27 -21.72
C ALA A 201 -8.77 10.06 -22.63
N GLY A 202 -8.08 9.03 -22.13
CA GLY A 202 -7.81 7.84 -22.90
C GLY A 202 -6.74 8.00 -23.98
N SER A 203 -5.89 9.02 -23.87
CA SER A 203 -4.82 9.20 -24.84
C SER A 203 -3.76 8.14 -24.60
N VAL A 204 -2.95 7.86 -25.64
CA VAL A 204 -2.05 6.72 -25.66
C VAL A 204 -0.65 7.19 -26.09
N ALA A 205 0.40 6.76 -25.40
CA ALA A 205 1.75 7.13 -25.77
C ALA A 205 2.18 6.34 -27.00
N ASP A 206 3.06 6.93 -27.82
CA ASP A 206 3.77 6.26 -28.90
C ASP A 206 5.04 5.62 -28.34
N ILE A 207 4.87 4.44 -27.76
CA ILE A 207 5.90 3.78 -26.98
C ILE A 207 7.10 3.47 -27.87
N GLU A 208 6.84 3.03 -29.09
CA GLU A 208 7.95 2.65 -29.95
C GLU A 208 8.83 3.85 -30.26
N LYS A 209 8.21 5.00 -30.57
CA LYS A 209 8.96 6.21 -30.85
C LYS A 209 9.78 6.65 -29.61
N ILE A 210 9.20 6.52 -28.40
CA ILE A 210 9.92 6.89 -27.20
C ILE A 210 11.12 5.96 -27.02
N CYS A 211 10.96 4.67 -27.30
CA CYS A 211 12.07 3.71 -27.26
C CYS A 211 13.15 4.12 -28.25
N ASP A 212 12.74 4.61 -29.43
CA ASP A 212 13.69 5.07 -30.43
C ASP A 212 14.49 6.23 -29.85
N LEU A 213 13.81 7.19 -29.22
CA LEU A 213 14.45 8.35 -28.62
C LEU A 213 15.39 7.93 -27.49
N ALA A 214 14.95 6.95 -26.68
CA ALA A 214 15.77 6.43 -25.60
C ALA A 214 17.08 5.89 -26.15
N ASP A 215 17.04 5.14 -27.25
CA ASP A 215 18.23 4.57 -27.87
C ASP A 215 19.18 5.68 -28.32
N LYS A 216 18.63 6.67 -29.06
CA LYS A 216 19.39 7.76 -29.63
C LYS A 216 20.08 8.59 -28.54
N TYR A 217 19.39 8.88 -27.42
CA TYR A 217 19.90 9.85 -26.44
C TYR A 217 20.37 9.16 -25.14
N GLY A 218 20.41 7.81 -25.15
CA GLY A 218 21.00 7.01 -24.08
C GLY A 218 20.18 7.03 -22.80
N ALA A 219 18.85 6.94 -22.91
CA ALA A 219 17.95 7.00 -21.74
C ALA A 219 17.38 5.62 -21.39
N LEU A 220 17.13 5.40 -20.10
CA LEU A 220 16.23 4.37 -19.62
C LEU A 220 14.79 4.80 -19.89
N THR A 221 13.89 3.80 -20.03
CA THR A 221 12.46 4.05 -20.12
C THR A 221 11.78 3.42 -18.91
N PHE A 222 10.82 4.17 -18.37
CA PHE A 222 9.96 3.74 -17.28
C PHE A 222 8.53 3.93 -17.76
N LEU A 223 7.81 2.81 -17.88
CA LEU A 223 6.48 2.82 -18.46
C LEU A 223 5.44 2.31 -17.45
N ASP A 224 4.42 3.12 -17.19
CA ASP A 224 3.29 2.76 -16.35
C ASP A 224 2.17 2.26 -17.25
N GLU A 225 1.83 0.96 -17.17
CA GLU A 225 0.77 0.34 -17.99
C GLU A 225 -0.47 0.01 -17.12
N VAL A 226 -0.69 0.76 -16.04
CA VAL A 226 -1.79 0.55 -15.12
C VAL A 226 -3.13 0.53 -15.85
N HIS A 227 -3.33 1.42 -16.83
CA HIS A 227 -4.64 1.47 -17.49
C HIS A 227 -4.66 0.69 -18.80
N ALA A 228 -3.65 -0.17 -19.04
CA ALA A 228 -3.59 -0.99 -20.23
C ALA A 228 -3.52 -2.49 -19.93
N VAL A 229 -2.91 -2.89 -18.80
CA VAL A 229 -2.76 -4.32 -18.56
C VAL A 229 -4.13 -4.93 -18.43
N GLY A 230 -4.28 -6.11 -19.08
CA GLY A 230 -5.54 -6.77 -19.25
C GLY A 230 -6.26 -6.40 -20.54
N LEU A 231 -5.91 -5.25 -21.14
CA LEU A 231 -6.81 -4.61 -22.10
C LEU A 231 -6.20 -4.51 -23.50
N TYR A 232 -4.88 -4.64 -23.63
CA TYR A 232 -4.18 -4.40 -24.88
C TYR A 232 -3.18 -5.53 -25.05
N GLY A 233 -2.86 -5.78 -26.33
CA GLY A 233 -2.05 -6.91 -26.71
C GLY A 233 -2.89 -8.19 -26.74
N PRO A 234 -2.41 -9.25 -27.42
CA PRO A 234 -3.17 -10.50 -27.50
C PRO A 234 -3.40 -11.14 -26.14
N HIS A 235 -2.47 -10.92 -25.18
CA HIS A 235 -2.51 -11.55 -23.86
C HIS A 235 -2.76 -10.57 -22.72
N GLY A 236 -3.16 -9.35 -23.05
CA GLY A 236 -3.42 -8.31 -22.06
C GLY A 236 -2.15 -7.74 -21.42
N ALA A 237 -0.99 -7.87 -22.08
CA ALA A 237 0.26 -7.44 -21.47
C ALA A 237 0.45 -5.93 -21.61
N GLY A 238 -0.44 -5.25 -22.34
CA GLY A 238 -0.51 -3.80 -22.40
C GLY A 238 -0.22 -3.27 -23.80
N VAL A 239 -0.06 -1.94 -23.88
CA VAL A 239 0.14 -1.28 -25.17
C VAL A 239 1.49 -1.67 -25.74
N ALA A 240 2.51 -1.85 -24.90
CA ALA A 240 3.81 -2.32 -25.37
C ALA A 240 3.68 -3.64 -26.14
N GLU A 241 2.84 -4.57 -25.65
CA GLU A 241 2.65 -5.85 -26.32
C GLU A 241 1.93 -5.61 -27.64
N HIS A 242 0.95 -4.70 -27.61
CA HIS A 242 0.13 -4.36 -28.76
C HIS A 242 0.99 -3.83 -29.92
N CYS A 243 2.09 -3.08 -29.61
CA CYS A 243 3.00 -2.59 -30.64
C CYS A 243 3.59 -3.73 -31.48
N ASP A 244 3.69 -4.95 -30.95
CA ASP A 244 4.14 -6.10 -31.73
C ASP A 244 3.09 -7.22 -31.63
N PHE A 245 1.85 -6.83 -31.90
CA PHE A 245 0.69 -7.68 -31.65
C PHE A 245 0.90 -9.06 -32.26
N GLU A 246 1.27 -9.11 -33.54
CA GLU A 246 1.32 -10.38 -34.25
C GLU A 246 2.51 -11.23 -33.77
N SER A 247 3.65 -10.62 -33.45
CA SER A 247 4.81 -11.36 -32.96
C SER A 247 4.45 -12.04 -31.65
N HIS A 248 3.77 -11.31 -30.77
CA HIS A 248 3.39 -11.81 -29.47
C HIS A 248 2.30 -12.89 -29.62
N ARG A 249 1.28 -12.63 -30.46
CA ARG A 249 0.24 -13.62 -30.71
C ARG A 249 0.85 -14.93 -31.21
N ALA A 250 1.72 -14.86 -32.20
CA ALA A 250 2.35 -16.05 -32.75
C ALA A 250 3.11 -16.80 -31.65
N SER A 251 3.92 -16.11 -30.85
CA SER A 251 4.85 -16.76 -29.94
C SER A 251 4.19 -17.20 -28.62
N GLY A 252 3.00 -16.68 -28.31
CA GLY A 252 2.34 -16.94 -27.04
C GLY A 252 3.13 -16.36 -25.86
N ILE A 253 3.48 -17.23 -24.90
CA ILE A 253 4.25 -16.82 -23.74
C ILE A 253 5.75 -16.77 -24.07
N ALA A 254 6.15 -17.30 -25.24
CA ALA A 254 7.55 -17.29 -25.65
C ALA A 254 7.98 -15.91 -26.16
N THR A 255 9.30 -15.66 -26.02
CA THR A 255 9.92 -14.50 -26.63
C THR A 255 9.96 -14.74 -28.13
N PRO A 256 9.33 -13.87 -28.96
CA PRO A 256 9.29 -14.08 -30.41
C PRO A 256 10.70 -13.91 -30.94
N LYS A 257 10.97 -14.53 -32.10
CA LYS A 257 12.31 -14.52 -32.64
C LYS A 257 12.59 -13.13 -33.23
N THR A 258 11.54 -12.48 -33.76
CA THR A 258 11.63 -11.15 -34.33
C THR A 258 10.42 -10.31 -33.90
N ASN A 259 10.45 -9.02 -34.22
CA ASN A 259 9.33 -8.12 -34.01
C ASN A 259 8.51 -8.01 -35.30
N ASP A 260 7.46 -7.19 -35.25
CA ASP A 260 6.45 -7.12 -36.30
C ASP A 260 7.05 -6.61 -37.60
N LYS A 261 8.15 -5.84 -37.55
CA LYS A 261 8.78 -5.33 -38.76
C LYS A 261 10.07 -6.09 -39.09
N GLY A 262 10.32 -7.23 -38.44
CA GLY A 262 11.42 -8.13 -38.83
C GLY A 262 12.69 -7.96 -38.00
N GLY A 263 12.71 -6.97 -37.10
CA GLY A 263 13.89 -6.71 -36.29
C GLY A 263 14.01 -7.65 -35.10
N ALA A 264 15.05 -7.44 -34.26
CA ALA A 264 15.45 -8.44 -33.28
C ALA A 264 14.63 -8.33 -32.00
N LYS A 265 14.28 -7.10 -31.59
CA LYS A 265 13.72 -6.86 -30.28
C LYS A 265 12.35 -6.19 -30.42
N THR A 266 11.38 -6.70 -29.66
CA THR A 266 10.06 -6.08 -29.60
C THR A 266 10.11 -4.84 -28.69
N VAL A 267 9.12 -3.96 -28.88
CA VAL A 267 8.91 -2.79 -28.03
C VAL A 267 8.89 -3.19 -26.55
N MET A 268 8.11 -4.21 -26.18
CA MET A 268 7.94 -4.55 -24.78
C MET A 268 9.27 -5.04 -24.22
N ASP A 269 10.09 -5.65 -25.07
CA ASP A 269 11.42 -6.11 -24.73
C ASP A 269 12.34 -4.91 -24.49
N ARG A 270 12.16 -3.84 -25.29
CA ARG A 270 13.02 -2.68 -25.23
C ARG A 270 12.76 -1.81 -24.00
N VAL A 271 11.52 -1.80 -23.47
CA VAL A 271 11.23 -0.96 -22.32
C VAL A 271 11.95 -1.51 -21.09
N ASP A 272 12.66 -0.65 -20.37
CA ASP A 272 13.49 -1.11 -19.27
C ASP A 272 12.65 -1.54 -18.07
N MET A 273 11.61 -0.78 -17.75
CA MET A 273 10.85 -0.94 -16.52
C MET A 273 9.40 -0.70 -16.86
N ILE A 274 8.56 -1.68 -16.50
CA ILE A 274 7.12 -1.60 -16.71
C ILE A 274 6.47 -1.80 -15.34
N THR A 275 5.63 -0.84 -14.97
CA THR A 275 4.88 -0.98 -13.75
C THR A 275 3.42 -1.18 -14.09
N GLY A 276 2.75 -1.95 -13.22
CA GLY A 276 1.31 -2.09 -13.30
C GLY A 276 0.69 -2.26 -11.92
N THR A 277 -0.62 -2.39 -11.92
CA THR A 277 -1.38 -2.65 -10.72
C THR A 277 -2.00 -4.05 -10.81
N LEU A 278 -2.34 -4.60 -9.64
CA LEU A 278 -3.16 -5.78 -9.57
C LEU A 278 -4.59 -5.37 -9.24
N GLY A 279 -4.82 -4.05 -9.11
CA GLY A 279 -6.02 -3.52 -8.46
C GLY A 279 -7.12 -3.12 -9.44
N LYS A 280 -6.86 -3.27 -10.74
CA LYS A 280 -7.82 -2.80 -11.72
C LYS A 280 -8.32 -4.00 -12.54
N SER A 281 -7.76 -4.20 -13.73
CA SER A 281 -8.11 -5.33 -14.57
C SER A 281 -7.97 -6.63 -13.79
N PHE A 282 -6.93 -6.74 -12.95
CA PHE A 282 -6.57 -8.02 -12.39
C PHE A 282 -7.32 -8.29 -11.08
N GLY A 283 -8.26 -7.41 -10.72
CA GLY A 283 -9.34 -7.74 -9.81
C GLY A 283 -8.92 -7.97 -8.36
N SER A 284 -7.76 -7.42 -7.96
CA SER A 284 -7.19 -7.68 -6.65
C SER A 284 -6.65 -6.37 -6.03
N VAL A 285 -5.42 -6.42 -5.50
CA VAL A 285 -4.74 -5.23 -4.98
C VAL A 285 -3.25 -5.49 -5.15
N GLY A 286 -2.47 -4.42 -5.27
CA GLY A 286 -1.02 -4.55 -5.33
C GLY A 286 -0.46 -3.84 -6.56
N GLY A 287 0.86 -3.71 -6.59
CA GLY A 287 1.53 -3.20 -7.75
C GLY A 287 2.78 -4.02 -8.03
N TYR A 288 3.44 -3.70 -9.14
CA TYR A 288 4.62 -4.44 -9.52
C TYR A 288 5.43 -3.63 -10.51
N VAL A 289 6.70 -4.04 -10.64
CA VAL A 289 7.54 -3.66 -11.76
C VAL A 289 8.06 -4.95 -12.38
N ALA A 290 8.13 -4.94 -13.71
CA ALA A 290 8.73 -6.01 -14.47
C ALA A 290 9.92 -5.47 -15.25
N ALA A 291 11.04 -6.18 -15.18
CA ALA A 291 12.30 -5.67 -15.68
C ALA A 291 13.31 -6.81 -15.72
N SER A 292 14.52 -6.48 -16.13
CA SER A 292 15.63 -7.40 -16.14
C SER A 292 15.87 -7.93 -14.74
N ARG A 293 16.49 -9.11 -14.67
CA ARG A 293 16.85 -9.77 -13.44
C ARG A 293 17.66 -8.80 -12.59
N LYS A 294 18.59 -8.06 -13.24
CA LYS A 294 19.53 -7.20 -12.55
C LYS A 294 18.79 -6.01 -11.91
N LEU A 295 17.88 -5.38 -12.67
CA LEU A 295 17.08 -4.29 -12.12
C LEU A 295 16.23 -4.80 -10.97
N ILE A 296 15.58 -5.98 -11.12
CA ILE A 296 14.68 -6.51 -10.09
C ILE A 296 15.49 -6.80 -8.83
N ASP A 297 16.66 -7.42 -8.97
CA ASP A 297 17.49 -7.75 -7.81
C ASP A 297 17.92 -6.49 -7.07
N TRP A 298 18.15 -5.40 -7.81
CA TRP A 298 18.56 -4.11 -7.25
C TRP A 298 17.42 -3.47 -6.45
N PHE A 299 16.21 -3.48 -7.02
CA PHE A 299 15.06 -2.95 -6.31
C PHE A 299 14.84 -3.74 -5.03
N ARG A 300 14.97 -5.06 -5.13
CA ARG A 300 14.67 -5.97 -4.03
C ARG A 300 15.69 -5.76 -2.91
N SER A 301 16.92 -5.42 -3.29
CA SER A 301 18.03 -5.29 -2.37
C SER A 301 18.04 -3.96 -1.62
N PHE A 302 17.44 -2.91 -2.19
CA PHE A 302 17.77 -1.54 -1.77
C PHE A 302 16.54 -0.65 -1.55
N ALA A 303 15.36 -1.06 -2.02
CA ALA A 303 14.22 -0.16 -1.99
C ALA A 303 13.48 -0.32 -0.65
N PRO A 304 13.49 0.68 0.28
CA PRO A 304 12.87 0.47 1.58
C PRO A 304 11.36 0.21 1.56
N GLY A 305 10.65 0.77 0.57
CA GLY A 305 9.21 0.58 0.45
C GLY A 305 8.84 -0.84 0.04
N PHE A 306 9.86 -1.60 -0.40
CA PHE A 306 9.74 -3.03 -0.60
C PHE A 306 10.13 -3.78 0.67
N ILE A 307 11.33 -3.47 1.18
CA ILE A 307 12.00 -4.28 2.18
C ILE A 307 11.21 -4.21 3.48
N PHE A 308 10.68 -3.02 3.81
CA PHE A 308 10.30 -2.75 5.19
C PHE A 308 8.78 -2.72 5.35
N THR A 309 8.09 -3.59 4.59
CA THR A 309 6.64 -3.70 4.64
C THR A 309 6.20 -5.17 4.48
N THR A 310 5.03 -5.47 5.03
CA THR A 310 4.49 -6.82 5.15
C THR A 310 4.12 -7.28 3.75
N THR A 311 4.44 -8.54 3.43
CA THR A 311 4.02 -9.15 2.16
C THR A 311 2.49 -9.16 2.08
N LEU A 312 1.93 -8.95 0.89
CA LEU A 312 0.50 -9.08 0.68
C LEU A 312 0.02 -10.48 1.08
N PRO A 313 -1.24 -10.62 1.56
CA PRO A 313 -1.78 -11.92 1.94
C PRO A 313 -1.72 -12.91 0.78
N PRO A 314 -1.39 -14.19 1.05
CA PRO A 314 -1.34 -15.21 0.00
C PRO A 314 -2.60 -15.27 -0.86
N SER A 315 -3.77 -15.07 -0.22
CA SER A 315 -5.06 -15.20 -0.88
C SER A 315 -5.25 -14.12 -1.96
N VAL A 316 -4.76 -12.92 -1.66
CA VAL A 316 -4.86 -11.79 -2.57
C VAL A 316 -3.92 -12.01 -3.76
N MET A 317 -2.76 -12.58 -3.49
CA MET A 317 -1.77 -12.86 -4.52
C MET A 317 -2.26 -13.99 -5.44
N ALA A 318 -2.79 -15.06 -4.84
CA ALA A 318 -3.40 -16.16 -5.58
C ALA A 318 -4.53 -15.66 -6.46
N GLY A 319 -5.39 -14.79 -5.93
CA GLY A 319 -6.49 -14.25 -6.72
C GLY A 319 -5.98 -13.48 -7.94
N ALA A 320 -4.97 -12.61 -7.74
CA ALA A 320 -4.38 -11.87 -8.83
C ALA A 320 -3.79 -12.83 -9.85
N THR A 321 -3.07 -13.83 -9.37
CA THR A 321 -2.46 -14.84 -10.22
C THR A 321 -3.51 -15.51 -11.11
N ALA A 322 -4.63 -15.94 -10.51
CA ALA A 322 -5.71 -16.57 -11.26
C ALA A 322 -6.26 -15.59 -12.31
N ALA A 323 -6.38 -14.30 -11.93
CA ALA A 323 -6.97 -13.33 -12.85
C ALA A 323 -6.04 -13.13 -14.03
N ILE A 324 -4.73 -13.02 -13.78
CA ILE A 324 -3.75 -12.86 -14.84
C ILE A 324 -3.76 -14.08 -15.78
N ARG A 325 -3.71 -15.30 -15.23
CA ARG A 325 -3.70 -16.51 -16.03
C ARG A 325 -4.94 -16.61 -16.91
N TYR A 326 -6.11 -16.35 -16.33
CA TYR A 326 -7.37 -16.39 -17.05
C TYR A 326 -7.39 -15.39 -18.21
N GLN A 327 -7.11 -14.13 -17.90
CA GLN A 327 -7.23 -13.04 -18.87
C GLN A 327 -6.24 -13.21 -20.02
N ARG A 328 -5.05 -13.76 -19.75
CA ARG A 328 -4.04 -14.04 -20.77
C ARG A 328 -4.61 -14.90 -21.91
N CYS A 329 -5.45 -15.88 -21.56
CA CYS A 329 -5.91 -16.82 -22.57
C CYS A 329 -7.37 -16.54 -22.93
N HIS A 330 -7.88 -15.35 -22.57
CA HIS A 330 -9.23 -14.99 -22.97
C HIS A 330 -9.21 -13.66 -23.70
N ILE A 331 -8.78 -13.69 -24.97
CA ILE A 331 -8.71 -12.48 -25.78
C ILE A 331 -10.13 -11.95 -25.99
N ASP A 332 -11.14 -12.83 -25.86
CA ASP A 332 -12.53 -12.41 -25.97
C ASP A 332 -12.94 -11.40 -24.89
N LEU A 333 -12.28 -11.37 -23.73
CA LEU A 333 -12.42 -10.28 -22.76
C LEU A 333 -12.14 -8.92 -23.43
N ARG A 334 -11.01 -8.82 -24.13
CA ARG A 334 -10.59 -7.56 -24.74
C ARG A 334 -11.46 -7.21 -25.94
N THR A 335 -11.71 -8.21 -26.82
CA THR A 335 -12.47 -7.93 -28.03
C THR A 335 -13.86 -7.51 -27.60
N SER A 336 -14.36 -8.11 -26.52
CA SER A 336 -15.68 -7.79 -26.00
C SER A 336 -15.73 -6.36 -25.46
N GLN A 337 -14.77 -6.00 -24.60
CA GLN A 337 -14.68 -4.65 -24.04
C GLN A 337 -14.61 -3.63 -25.18
N GLN A 338 -13.75 -3.89 -26.18
CA GLN A 338 -13.50 -2.94 -27.24
C GLN A 338 -14.74 -2.76 -28.11
N LYS A 339 -15.47 -3.85 -28.38
CA LYS A 339 -16.71 -3.79 -29.15
C LYS A 339 -17.78 -2.99 -28.39
N HIS A 340 -17.88 -3.17 -27.08
CA HIS A 340 -18.82 -2.43 -26.26
C HIS A 340 -18.50 -0.95 -26.28
N THR A 341 -17.21 -0.62 -26.14
CA THR A 341 -16.71 0.74 -26.16
C THR A 341 -17.05 1.42 -27.49
N MET A 342 -16.73 0.73 -28.58
CA MET A 342 -16.95 1.23 -29.92
C MET A 342 -18.46 1.38 -30.20
N TYR A 343 -19.28 0.51 -29.59
CA TYR A 343 -20.73 0.58 -29.70
C TYR A 343 -21.23 1.85 -29.01
N VAL A 344 -20.72 2.12 -27.80
CA VAL A 344 -21.10 3.33 -27.05
C VAL A 344 -20.62 4.57 -27.79
N LYS A 345 -19.39 4.55 -28.30
CA LYS A 345 -18.81 5.71 -28.95
C LYS A 345 -19.56 6.07 -30.24
N LYS A 346 -19.85 5.05 -31.05
CA LYS A 346 -20.53 5.25 -32.33
C LYS A 346 -21.90 5.85 -32.07
N ALA A 347 -22.59 5.37 -31.03
CA ALA A 347 -23.93 5.85 -30.70
C ALA A 347 -23.86 7.31 -30.28
N PHE A 348 -22.93 7.62 -29.37
CA PHE A 348 -22.70 8.97 -28.90
C PHE A 348 -22.36 9.90 -30.07
N HIS A 349 -21.56 9.42 -31.03
CA HIS A 349 -21.18 10.22 -32.18
C HIS A 349 -22.44 10.64 -32.98
N GLU A 350 -23.36 9.69 -33.22
CA GLU A 350 -24.54 9.95 -34.02
C GLU A 350 -25.51 10.87 -33.28
N LEU A 351 -25.50 10.82 -31.94
CA LEU A 351 -26.35 11.69 -31.14
C LEU A 351 -25.67 13.04 -30.86
N GLY A 352 -24.42 13.20 -31.32
CA GLY A 352 -23.68 14.42 -31.07
C GLY A 352 -23.29 14.59 -29.60
N ILE A 353 -23.18 13.48 -28.87
CA ILE A 353 -22.74 13.56 -27.48
C ILE A 353 -21.22 13.61 -27.47
N PRO A 354 -20.61 14.69 -26.88
CA PRO A 354 -19.20 15.01 -27.11
C PRO A 354 -18.25 14.15 -26.28
N VAL A 355 -17.79 13.06 -26.91
CA VAL A 355 -16.74 12.21 -26.39
C VAL A 355 -15.39 12.78 -26.82
N ILE A 356 -14.46 12.93 -25.87
CA ILE A 356 -13.08 13.28 -26.20
C ILE A 356 -12.48 12.15 -27.02
N PRO A 357 -12.09 12.38 -28.29
CA PRO A 357 -11.65 11.29 -29.17
C PRO A 357 -10.37 10.68 -28.63
N ASN A 358 -10.28 9.37 -28.71
CA ASN A 358 -9.18 8.63 -28.13
C ASN A 358 -9.24 7.24 -28.76
N PRO A 359 -8.08 6.55 -28.91
CA PRO A 359 -8.05 5.21 -29.49
C PRO A 359 -8.13 4.04 -28.51
N SER A 360 -8.63 4.30 -27.28
CA SER A 360 -8.58 3.35 -26.17
C SER A 360 -9.99 2.94 -25.72
N HIS A 361 -10.10 2.35 -24.52
CA HIS A 361 -11.35 1.83 -24.02
C HIS A 361 -12.17 2.84 -23.21
N ILE A 362 -11.71 4.08 -23.13
CA ILE A 362 -12.34 5.05 -22.25
C ILE A 362 -13.24 5.98 -23.07
N VAL A 363 -14.40 6.30 -22.48
CA VAL A 363 -15.38 7.20 -23.08
C VAL A 363 -15.55 8.43 -22.20
N PRO A 364 -14.70 9.48 -22.35
CA PRO A 364 -14.88 10.71 -21.58
C PRO A 364 -15.85 11.64 -22.28
N VAL A 365 -17.02 11.87 -21.66
CA VAL A 365 -18.01 12.79 -22.17
C VAL A 365 -17.73 14.18 -21.62
N LEU A 366 -17.38 15.12 -22.52
CA LEU A 366 -17.02 16.47 -22.15
C LEU A 366 -18.28 17.25 -21.74
N ILE A 367 -18.24 17.89 -20.57
CA ILE A 367 -19.30 18.77 -20.10
C ILE A 367 -18.80 20.21 -20.14
N GLY A 368 -17.64 20.45 -19.54
CA GLY A 368 -17.01 21.75 -19.50
C GLY A 368 -17.51 22.64 -18.36
N ASN A 369 -18.17 22.05 -17.36
CA ASN A 369 -18.69 22.80 -16.21
C ASN A 369 -18.81 21.85 -15.03
N ALA A 370 -18.18 22.22 -13.91
CA ALA A 370 -18.06 21.34 -12.76
C ALA A 370 -19.43 21.07 -12.14
N ASP A 371 -20.24 22.14 -11.99
CA ASP A 371 -21.56 22.01 -11.38
C ASP A 371 -22.46 21.13 -12.24
N LEU A 372 -22.42 21.32 -13.57
CA LEU A 372 -23.27 20.57 -14.48
C LEU A 372 -22.78 19.13 -14.64
N ALA A 373 -21.47 18.91 -14.55
CA ALA A 373 -20.91 17.56 -14.62
C ALA A 373 -21.37 16.75 -13.39
N LYS A 374 -21.31 17.38 -12.22
CA LYS A 374 -21.70 16.73 -10.98
C LYS A 374 -23.21 16.50 -10.97
N GLN A 375 -23.97 17.46 -11.52
CA GLN A 375 -25.41 17.37 -11.56
C GLN A 375 -25.87 16.29 -12.54
N ALA A 376 -25.10 16.07 -13.62
CA ALA A 376 -25.44 15.05 -14.60
C ALA A 376 -25.31 13.65 -13.99
N SER A 377 -24.21 13.36 -13.28
CA SER A 377 -24.07 12.03 -12.71
C SER A 377 -25.01 11.88 -11.50
N ASP A 378 -25.44 13.02 -10.91
CA ASP A 378 -26.46 13.03 -9.86
C ASP A 378 -27.83 12.56 -10.40
N ILE A 379 -28.20 12.99 -11.62
CA ILE A 379 -29.44 12.57 -12.25
C ILE A 379 -29.33 11.15 -12.81
N LEU A 380 -28.18 10.79 -13.41
CA LEU A 380 -27.91 9.45 -13.90
C LEU A 380 -28.13 8.43 -12.79
N ILE A 381 -27.64 8.72 -11.57
CA ILE A 381 -27.73 7.78 -10.47
C ILE A 381 -29.17 7.75 -9.94
N ASN A 382 -29.81 8.90 -9.69
CA ASN A 382 -31.10 8.91 -9.00
C ASN A 382 -32.23 8.47 -9.92
N LYS A 383 -32.20 8.96 -11.17
CA LYS A 383 -33.32 8.83 -12.10
C LYS A 383 -33.12 7.67 -13.08
N HIS A 384 -31.88 7.25 -13.32
CA HIS A 384 -31.62 6.20 -14.29
C HIS A 384 -30.88 5.02 -13.66
N GLN A 385 -30.57 5.10 -12.36
CA GLN A 385 -29.81 4.09 -11.66
C GLN A 385 -28.56 3.69 -12.44
N ILE A 386 -27.84 4.70 -12.96
CA ILE A 386 -26.56 4.53 -13.63
C ILE A 386 -25.50 5.32 -12.86
N TYR A 387 -24.38 4.64 -12.56
CA TYR A 387 -23.25 5.28 -11.91
C TYR A 387 -22.19 5.61 -12.95
N VAL A 388 -21.88 6.92 -13.02
CA VAL A 388 -20.84 7.49 -13.84
C VAL A 388 -20.14 8.56 -12.99
N GLN A 389 -18.81 8.67 -13.13
CA GLN A 389 -18.01 9.54 -12.30
C GLN A 389 -17.83 10.89 -12.98
N ALA A 390 -18.23 11.95 -12.27
CA ALA A 390 -17.91 13.32 -12.65
C ALA A 390 -16.45 13.62 -12.29
N ILE A 391 -15.70 14.19 -13.24
CA ILE A 391 -14.29 14.50 -13.08
C ILE A 391 -14.09 16.01 -13.22
N ASN A 392 -13.54 16.64 -12.17
CA ASN A 392 -13.38 18.09 -12.11
C ASN A 392 -11.93 18.47 -11.79
N PHE A 393 -11.66 19.78 -11.72
CA PHE A 393 -10.42 20.28 -11.15
C PHE A 393 -10.33 19.82 -9.69
N PRO A 394 -9.15 19.42 -9.15
CA PRO A 394 -7.87 19.44 -9.88
C PRO A 394 -7.48 18.22 -10.71
N THR A 395 -8.41 17.26 -10.88
CA THR A 395 -8.05 16.07 -11.62
C THR A 395 -7.77 16.43 -13.08
N VAL A 396 -8.60 17.33 -13.62
CA VAL A 396 -8.47 17.82 -14.99
C VAL A 396 -8.53 19.35 -14.93
N ALA A 397 -8.27 20.00 -16.07
CA ALA A 397 -8.26 21.45 -16.13
C ALA A 397 -9.68 21.97 -15.95
N ARG A 398 -9.81 23.08 -15.21
CA ARG A 398 -11.05 23.85 -15.19
C ARG A 398 -11.46 24.14 -16.63
N GLY A 399 -12.75 23.94 -16.93
CA GLY A 399 -13.27 24.10 -18.27
C GLY A 399 -13.35 22.78 -19.04
N THR A 400 -12.59 21.76 -18.62
CA THR A 400 -12.58 20.49 -19.33
C THR A 400 -13.29 19.39 -18.54
N GLU A 401 -14.15 19.78 -17.60
CA GLU A 401 -14.83 18.83 -16.73
C GLU A 401 -15.60 17.83 -17.59
N ARG A 402 -15.75 16.59 -17.10
CA ARG A 402 -16.29 15.52 -17.92
C ARG A 402 -16.91 14.41 -17.07
N LEU A 403 -17.71 13.55 -17.71
CA LEU A 403 -18.15 12.29 -17.16
C LEU A 403 -17.27 11.17 -17.72
N ARG A 404 -16.78 10.29 -16.84
CA ARG A 404 -15.93 9.19 -17.25
C ARG A 404 -16.74 7.89 -17.30
N ILE A 405 -16.68 7.23 -18.46
CA ILE A 405 -17.39 5.98 -18.70
C ILE A 405 -16.38 4.95 -19.20
N THR A 406 -16.41 3.77 -18.57
CA THR A 406 -15.50 2.68 -18.84
C THR A 406 -16.30 1.42 -19.11
N PRO A 407 -16.69 1.15 -20.40
CA PRO A 407 -17.36 -0.11 -20.75
C PRO A 407 -16.48 -1.32 -20.46
N THR A 408 -17.13 -2.43 -20.08
CA THR A 408 -16.45 -3.67 -19.70
C THR A 408 -16.97 -4.80 -20.57
N PRO A 409 -16.39 -6.01 -20.47
CA PRO A 409 -16.97 -7.18 -21.12
C PRO A 409 -18.43 -7.43 -20.70
N GLY A 410 -18.81 -7.00 -19.48
CA GLY A 410 -20.15 -7.23 -18.96
C GLY A 410 -21.22 -6.28 -19.52
N HIS A 411 -20.82 -5.19 -20.17
CA HIS A 411 -21.76 -4.20 -20.69
C HIS A 411 -22.26 -4.60 -22.07
N THR A 412 -23.23 -5.51 -22.13
CA THR A 412 -23.82 -5.96 -23.38
C THR A 412 -24.62 -4.81 -24.00
N ASN A 413 -25.01 -4.96 -25.28
CA ASN A 413 -25.58 -3.86 -26.07
C ASN A 413 -26.91 -3.40 -25.49
N ASP A 414 -27.60 -4.28 -24.77
CA ASP A 414 -28.88 -3.94 -24.16
C ASP A 414 -28.64 -2.99 -22.98
N LEU A 415 -27.56 -3.22 -22.20
CA LEU A 415 -27.17 -2.30 -21.12
C LEU A 415 -26.66 -0.97 -21.70
N SER A 416 -25.84 -1.06 -22.74
CA SER A 416 -25.37 0.11 -23.48
C SER A 416 -26.53 0.96 -23.98
N ASP A 417 -27.62 0.32 -24.46
CA ASP A 417 -28.77 1.03 -24.98
C ASP A 417 -29.44 1.85 -23.88
N ILE A 418 -29.45 1.31 -22.65
CA ILE A 418 -30.02 2.01 -21.50
C ILE A 418 -29.10 3.18 -21.11
N LEU A 419 -27.79 3.01 -21.26
CA LEU A 419 -26.83 4.07 -20.95
C LEU A 419 -26.91 5.22 -21.96
N ILE A 420 -27.03 4.89 -23.25
CA ILE A 420 -27.11 5.87 -24.32
C ILE A 420 -28.38 6.72 -24.17
N ASN A 421 -29.54 6.07 -23.92
CA ASN A 421 -30.81 6.76 -23.77
C ASN A 421 -30.75 7.66 -22.54
N ALA A 422 -30.22 7.13 -21.44
CA ALA A 422 -30.15 7.89 -20.20
C ALA A 422 -29.27 9.14 -20.37
N VAL A 423 -28.09 8.98 -20.99
CA VAL A 423 -27.17 10.09 -21.14
C VAL A 423 -27.77 11.15 -22.07
N ASP A 424 -28.37 10.70 -23.18
CA ASP A 424 -29.06 11.56 -24.12
C ASP A 424 -30.17 12.34 -23.42
N ASP A 425 -30.87 11.67 -22.50
CA ASP A 425 -31.96 12.29 -21.78
C ASP A 425 -31.43 13.37 -20.83
N VAL A 426 -30.28 13.11 -20.20
CA VAL A 426 -29.66 14.04 -19.26
C VAL A 426 -29.12 15.26 -20.00
N PHE A 427 -28.46 15.03 -21.15
CA PHE A 427 -28.03 16.13 -22.01
C PHE A 427 -29.18 17.07 -22.32
N ASN A 428 -30.35 16.50 -22.62
CA ASN A 428 -31.53 17.30 -22.95
C ASN A 428 -32.13 17.96 -21.70
N GLU A 429 -32.11 17.26 -20.56
CA GLU A 429 -32.70 17.80 -19.34
C GLU A 429 -31.88 18.98 -18.83
N LEU A 430 -30.55 18.84 -18.83
CA LEU A 430 -29.66 19.89 -18.35
C LEU A 430 -29.18 20.79 -19.48
N GLN A 431 -29.67 20.53 -20.70
CA GLN A 431 -29.39 21.39 -21.85
C GLN A 431 -27.89 21.58 -22.06
N LEU A 432 -27.12 20.48 -21.94
CA LEU A 432 -25.66 20.53 -22.02
C LEU A 432 -25.21 20.77 -23.46
N PRO A 433 -23.99 21.30 -23.71
CA PRO A 433 -23.51 21.47 -25.07
C PRO A 433 -23.28 20.13 -25.76
N ARG A 434 -23.64 20.07 -27.05
CA ARG A 434 -23.35 18.92 -27.90
C ARG A 434 -22.16 19.24 -28.80
N VAL A 435 -21.72 18.25 -29.58
CA VAL A 435 -20.54 18.36 -30.42
C VAL A 435 -20.59 19.63 -31.27
N ARG A 436 -21.75 19.96 -31.85
CA ARG A 436 -21.85 21.10 -32.76
C ARG A 436 -21.79 22.42 -31.98
N ASP A 437 -22.11 22.39 -30.69
CA ASP A 437 -22.02 23.57 -29.84
C ASP A 437 -20.54 23.88 -29.57
N TRP A 438 -19.78 22.82 -29.26
CA TRP A 438 -18.34 22.92 -29.07
C TRP A 438 -17.65 23.46 -30.33
N GLU A 439 -18.06 22.98 -31.51
CA GLU A 439 -17.59 23.48 -32.79
C GLU A 439 -17.69 25.00 -32.89
N SER A 440 -18.88 25.55 -32.60
CA SER A 440 -19.14 26.97 -32.75
C SER A 440 -18.25 27.81 -31.83
N GLN A 441 -17.52 27.15 -30.91
CA GLN A 441 -16.55 27.78 -30.04
C GLN A 441 -15.13 27.42 -30.47
N GLY A 442 -14.98 26.62 -31.53
CA GLY A 442 -13.67 26.31 -32.08
C GLY A 442 -13.17 24.92 -31.70
N GLY A 443 -13.88 24.25 -30.78
CA GLY A 443 -13.52 22.90 -30.35
C GLY A 443 -12.90 22.88 -28.95
N LEU A 444 -12.68 21.68 -28.42
CA LEU A 444 -11.90 21.49 -27.20
C LEU A 444 -11.49 20.03 -27.07
N LEU A 445 -10.18 19.78 -27.01
CA LEU A 445 -9.62 18.44 -26.80
C LEU A 445 -10.12 17.50 -27.90
N GLY A 446 -10.16 18.02 -29.14
CA GLY A 446 -10.53 17.24 -30.31
C GLY A 446 -12.02 17.30 -30.64
N VAL A 447 -12.86 17.70 -29.67
CA VAL A 447 -14.30 17.69 -29.82
C VAL A 447 -14.73 18.89 -30.65
N GLY A 448 -15.27 18.62 -31.85
CA GLY A 448 -15.70 19.66 -32.77
C GLY A 448 -14.55 20.55 -33.22
N GLU A 449 -13.37 19.95 -33.45
CA GLU A 449 -12.21 20.69 -33.91
C GLU A 449 -12.13 20.61 -35.43
N SER A 450 -12.37 21.76 -36.08
CA SER A 450 -12.14 21.97 -37.50
C SER A 450 -10.86 21.24 -37.94
N GLY A 451 -11.04 20.13 -38.66
CA GLY A 451 -9.92 19.39 -39.25
C GLY A 451 -8.96 18.84 -38.18
N PHE A 452 -9.50 17.96 -37.32
CA PHE A 452 -8.71 17.17 -36.38
C PHE A 452 -8.58 15.76 -36.97
N VAL A 453 -7.38 15.19 -36.82
CA VAL A 453 -7.09 13.87 -37.37
C VAL A 453 -7.00 12.84 -36.23
N GLU A 454 -8.16 12.31 -35.82
CA GLU A 454 -8.25 11.31 -34.77
C GLU A 454 -7.24 10.18 -35.01
N GLU A 455 -6.59 9.74 -33.93
CA GLU A 455 -5.77 8.54 -33.96
C GLU A 455 -6.69 7.34 -34.21
N SER A 456 -6.20 6.32 -34.94
CA SER A 456 -6.94 5.09 -35.15
C SER A 456 -7.07 4.38 -33.80
N ASN A 457 -8.10 3.54 -33.64
CA ASN A 457 -8.20 2.70 -32.45
C ASN A 457 -7.02 1.75 -32.40
N LEU A 458 -6.48 1.47 -31.21
CA LEU A 458 -5.39 0.51 -31.12
C LEU A 458 -5.83 -0.86 -31.64
N TRP A 459 -7.07 -1.26 -31.32
CA TRP A 459 -7.63 -2.53 -31.77
C TRP A 459 -8.18 -2.38 -33.18
N THR A 460 -7.56 -3.07 -34.16
CA THR A 460 -8.02 -3.06 -35.55
C THR A 460 -9.18 -4.03 -35.73
N SER A 461 -9.88 -3.94 -36.87
CA SER A 461 -10.91 -4.92 -37.25
C SER A 461 -10.36 -6.34 -37.25
N SER A 462 -9.21 -6.51 -37.88
CA SER A 462 -8.51 -7.77 -37.88
C SER A 462 -8.31 -8.32 -36.47
N GLN A 463 -7.74 -7.52 -35.57
CA GLN A 463 -7.49 -7.95 -34.19
C GLN A 463 -8.80 -8.27 -33.46
N LEU A 464 -9.87 -7.53 -33.76
CA LEU A 464 -11.13 -7.66 -33.07
C LEU A 464 -11.89 -8.93 -33.47
N SER A 465 -11.55 -9.50 -34.64
CA SER A 465 -12.17 -10.73 -35.10
C SER A 465 -11.40 -11.95 -34.60
N LEU A 466 -10.34 -11.77 -33.82
CA LEU A 466 -9.66 -12.91 -33.22
C LEU A 466 -10.53 -13.50 -32.11
N THR A 467 -10.32 -14.80 -31.89
CA THR A 467 -10.98 -15.56 -30.85
C THR A 467 -9.85 -16.22 -30.06
N ASN A 468 -10.25 -16.95 -29.00
CA ASN A 468 -9.32 -17.64 -28.12
C ASN A 468 -8.57 -18.74 -28.88
N ASP A 469 -9.18 -19.31 -29.94
CA ASP A 469 -8.54 -20.36 -30.72
C ASP A 469 -7.36 -19.82 -31.54
N ASP A 470 -7.29 -18.50 -31.73
CA ASP A 470 -6.20 -17.90 -32.50
C ASP A 470 -4.98 -17.63 -31.62
N LEU A 471 -5.03 -17.98 -30.32
CA LEU A 471 -3.88 -17.81 -29.44
C LEU A 471 -3.01 -19.05 -29.55
N ASN A 472 -1.72 -18.92 -29.27
CA ASN A 472 -0.80 -20.04 -29.14
C ASN A 472 -1.26 -20.92 -28.00
N PRO A 473 -1.35 -22.26 -28.18
CA PRO A 473 -1.72 -23.16 -27.08
C PRO A 473 -0.87 -23.04 -25.83
N ASN A 474 0.35 -22.47 -25.95
CA ASN A 474 1.24 -22.40 -24.81
C ASN A 474 0.74 -21.35 -23.78
N VAL A 475 -0.28 -20.55 -24.10
CA VAL A 475 -0.82 -19.57 -23.18
C VAL A 475 -1.65 -20.22 -22.05
N ARG A 476 -1.85 -21.54 -22.10
CA ARG A 476 -2.48 -22.30 -21.02
C ARG A 476 -1.47 -23.17 -20.28
N ASP A 477 -0.21 -23.13 -20.75
CA ASP A 477 0.92 -23.85 -20.16
C ASP A 477 2.20 -23.36 -20.87
N SER B 12 29.51 4.90 -25.07
CA SER B 12 28.93 6.17 -25.57
C SER B 12 27.91 6.69 -24.55
N GLY B 13 26.80 5.97 -24.37
CA GLY B 13 25.80 6.29 -23.36
C GLY B 13 26.26 5.91 -21.96
N PHE B 14 25.48 6.33 -20.94
CA PHE B 14 25.80 6.00 -19.55
C PHE B 14 25.74 4.49 -19.33
N ASP B 15 26.68 3.97 -18.54
CA ASP B 15 26.74 2.55 -18.26
C ASP B 15 25.81 2.18 -17.09
N TYR B 16 24.51 2.11 -17.36
CA TYR B 16 23.54 1.76 -16.34
C TYR B 16 23.86 0.40 -15.73
N GLU B 17 24.11 -0.58 -16.61
CA GLU B 17 24.34 -1.95 -16.21
C GLU B 17 25.57 -2.06 -15.31
N GLY B 18 26.63 -1.29 -15.65
CA GLY B 18 27.87 -1.31 -14.88
C GLY B 18 27.67 -0.80 -13.45
N LEU B 19 26.86 0.25 -13.31
CA LEU B 19 26.52 0.79 -12.02
C LEU B 19 25.74 -0.24 -11.20
N ILE B 20 24.69 -0.83 -11.79
CA ILE B 20 23.89 -1.82 -11.08
C ILE B 20 24.77 -2.98 -10.62
N ASP B 21 25.60 -3.52 -11.53
CA ASP B 21 26.44 -4.66 -11.23
C ASP B 21 27.35 -4.37 -10.04
N SER B 22 27.89 -3.13 -10.00
CA SER B 22 28.80 -2.71 -8.95
C SER B 22 28.07 -2.64 -7.61
N GLU B 23 26.88 -2.04 -7.62
CA GLU B 23 26.03 -1.95 -6.44
C GLU B 23 25.71 -3.36 -5.93
N LEU B 24 25.35 -4.27 -6.85
CA LEU B 24 24.95 -5.63 -6.49
C LEU B 24 26.12 -6.41 -5.92
N GLN B 25 27.32 -6.21 -6.48
CA GLN B 25 28.50 -6.95 -6.04
C GLN B 25 28.93 -6.50 -4.64
N LYS B 26 28.59 -5.25 -4.29
CA LYS B 26 28.97 -4.68 -2.99
C LYS B 26 28.15 -5.33 -1.87
N LYS B 27 26.99 -5.92 -2.19
CA LYS B 27 26.23 -6.68 -1.20
C LYS B 27 26.56 -8.18 -1.30
N ARG B 28 26.68 -8.70 -2.53
CA ARG B 28 27.22 -10.04 -2.74
C ARG B 28 28.68 -10.07 -2.28
N ASP B 56 9.55 -28.12 6.31
CA ASP B 56 8.72 -29.28 6.74
C ASP B 56 7.97 -28.87 8.02
N LYS B 57 7.75 -29.84 8.92
CA LYS B 57 7.15 -29.61 10.23
C LYS B 57 8.21 -29.08 11.20
N VAL B 58 8.34 -27.76 11.20
CA VAL B 58 9.29 -27.04 12.06
C VAL B 58 8.50 -26.17 13.04
N THR B 59 8.97 -26.06 14.28
CA THR B 59 8.39 -25.14 15.25
C THR B 59 8.93 -23.75 14.98
N VAL B 60 8.02 -22.82 14.63
CA VAL B 60 8.39 -21.43 14.41
C VAL B 60 8.43 -20.73 15.76
N TRP B 61 9.60 -20.17 16.08
CA TRP B 61 9.84 -19.48 17.33
C TRP B 61 10.15 -18.00 17.09
N CYS B 62 10.07 -17.57 15.83
CA CYS B 62 10.22 -16.17 15.49
C CYS B 62 9.19 -15.82 14.42
N SER B 63 8.27 -14.92 14.75
CA SER B 63 7.14 -14.65 13.89
C SER B 63 6.53 -13.30 14.28
N ASN B 64 6.01 -12.60 13.27
CA ASN B 64 5.28 -11.37 13.52
C ASN B 64 3.80 -11.65 13.75
N ASP B 65 3.38 -12.92 13.53
CA ASP B 65 2.00 -13.32 13.78
C ASP B 65 1.87 -13.72 15.25
N TYR B 66 2.02 -12.69 16.10
CA TYR B 66 2.28 -12.82 17.53
C TYR B 66 1.19 -13.63 18.25
N LEU B 67 -0.07 -13.46 17.83
CA LEU B 67 -1.20 -14.10 18.49
C LEU B 67 -1.77 -15.22 17.62
N ALA B 68 -1.08 -15.62 16.57
CA ALA B 68 -1.54 -16.64 15.64
C ALA B 68 -2.93 -16.36 15.05
N LEU B 69 -3.36 -15.10 14.95
CA LEU B 69 -4.72 -14.78 14.48
C LEU B 69 -4.88 -14.87 12.96
N SER B 70 -3.78 -14.93 12.18
CA SER B 70 -3.87 -15.06 10.73
C SER B 70 -4.56 -16.36 10.33
N LYS B 71 -4.57 -17.34 11.26
CA LYS B 71 -5.09 -18.69 11.01
C LYS B 71 -6.27 -18.97 11.94
N HIS B 72 -6.80 -17.94 12.62
CA HIS B 72 -7.89 -18.13 13.55
C HIS B 72 -9.20 -18.29 12.77
N PRO B 73 -10.06 -19.28 13.14
CA PRO B 73 -11.34 -19.51 12.46
C PRO B 73 -12.27 -18.30 12.29
N GLU B 74 -12.34 -17.42 13.28
CA GLU B 74 -13.21 -16.25 13.15
C GLU B 74 -12.69 -15.36 12.04
N VAL B 75 -11.36 -15.26 11.91
CA VAL B 75 -10.73 -14.46 10.87
C VAL B 75 -10.97 -15.10 9.50
N LEU B 76 -10.73 -16.42 9.38
CA LEU B 76 -10.89 -17.11 8.09
C LEU B 76 -12.36 -17.10 7.67
N ASP B 77 -13.26 -17.26 8.65
CA ASP B 77 -14.69 -17.23 8.38
C ASP B 77 -15.15 -15.87 7.87
N ALA B 78 -14.67 -14.79 8.51
CA ALA B 78 -14.99 -13.45 8.07
C ALA B 78 -14.48 -13.21 6.63
N MET B 79 -13.27 -13.70 6.30
CA MET B 79 -12.73 -13.66 4.96
C MET B 79 -13.64 -14.37 3.95
N HIS B 80 -13.94 -15.66 4.20
CA HIS B 80 -14.68 -16.47 3.23
C HIS B 80 -16.04 -15.84 2.97
N LYS B 81 -16.71 -15.37 4.04
CA LYS B 81 -18.02 -14.76 3.94
C LYS B 81 -17.97 -13.45 3.17
N THR B 82 -16.92 -12.66 3.40
CA THR B 82 -16.80 -11.39 2.73
C THR B 82 -16.58 -11.58 1.22
N ILE B 83 -15.73 -12.54 0.85
CA ILE B 83 -15.51 -12.89 -0.54
C ILE B 83 -16.84 -13.27 -1.21
N ASP B 84 -17.68 -14.08 -0.56
CA ASP B 84 -18.95 -14.48 -1.13
C ASP B 84 -19.81 -13.24 -1.42
N LYS B 85 -19.74 -12.23 -0.55
CA LYS B 85 -20.57 -11.04 -0.74
C LYS B 85 -19.95 -10.07 -1.75
N TYR B 86 -18.61 -9.86 -1.70
CA TYR B 86 -17.94 -8.70 -2.28
C TYR B 86 -16.95 -9.08 -3.40
N GLY B 87 -16.50 -10.34 -3.43
CA GLY B 87 -15.45 -10.76 -4.33
C GLY B 87 -14.06 -10.49 -3.75
N CYS B 88 -13.11 -10.22 -4.64
CA CYS B 88 -11.69 -10.18 -4.34
C CYS B 88 -11.28 -8.72 -4.11
N GLY B 89 -11.06 -7.98 -5.18
CA GLY B 89 -10.57 -6.62 -5.05
C GLY B 89 -11.70 -5.64 -4.80
N ALA B 90 -11.31 -4.47 -4.27
CA ALA B 90 -12.22 -3.39 -3.97
C ALA B 90 -12.76 -2.74 -5.24
N GLY B 91 -12.01 -2.85 -6.37
CA GLY B 91 -12.46 -2.32 -7.65
C GLY B 91 -13.87 -2.77 -8.04
N GLY B 92 -14.28 -3.99 -7.64
CA GLY B 92 -15.57 -4.55 -8.04
C GLY B 92 -16.73 -4.16 -7.12
N THR B 93 -16.47 -3.30 -6.12
CA THR B 93 -17.41 -2.92 -5.09
C THR B 93 -17.66 -1.41 -5.16
N HIS B 99 -16.94 5.54 1.06
CA HIS B 99 -16.24 4.38 1.69
C HIS B 99 -17.14 3.14 1.55
N ASN B 100 -16.54 1.95 1.55
CA ASN B 100 -17.36 0.76 1.60
C ASN B 100 -17.62 0.43 3.07
N ILE B 101 -18.58 -0.45 3.30
CA ILE B 101 -18.96 -0.87 4.65
C ILE B 101 -17.76 -1.54 5.34
N PRO B 102 -17.00 -2.46 4.67
CA PRO B 102 -15.82 -3.06 5.29
C PRO B 102 -14.78 -2.07 5.79
N THR B 103 -14.62 -0.96 5.08
CA THR B 103 -13.70 0.11 5.50
C THR B 103 -14.24 0.79 6.76
N LEU B 104 -15.53 1.18 6.75
CA LEU B 104 -16.13 1.86 7.90
C LEU B 104 -16.06 0.96 9.13
N ASN B 105 -16.38 -0.32 8.97
CA ASN B 105 -16.33 -1.25 10.08
C ASN B 105 -14.91 -1.34 10.63
N LEU B 106 -13.90 -1.42 9.74
CA LEU B 106 -12.54 -1.59 10.21
C LEU B 106 -12.06 -0.32 10.91
N GLU B 107 -12.36 0.84 10.33
CA GLU B 107 -11.93 2.11 10.92
C GLU B 107 -12.58 2.28 12.29
N ALA B 108 -13.87 1.97 12.38
CA ALA B 108 -14.59 2.05 13.65
C ALA B 108 -13.94 1.16 14.71
N GLU B 109 -13.52 -0.07 14.32
CA GLU B 109 -12.91 -0.97 15.27
C GLU B 109 -11.59 -0.40 15.77
N LEU B 110 -10.80 0.18 14.85
CA LEU B 110 -9.51 0.71 15.23
C LEU B 110 -9.64 1.96 16.10
N ALA B 111 -10.59 2.83 15.77
CA ALA B 111 -10.90 3.97 16.61
C ALA B 111 -11.30 3.47 18.01
N THR B 112 -12.15 2.45 18.09
CA THR B 112 -12.56 1.85 19.36
C THR B 112 -11.35 1.28 20.09
N LEU B 113 -10.48 0.56 19.41
CA LEU B 113 -9.31 -0.02 20.05
C LEU B 113 -8.49 1.05 20.77
N HIS B 114 -8.21 2.16 20.08
CA HIS B 114 -7.31 3.18 20.62
C HIS B 114 -8.10 4.26 21.34
N LYS B 115 -9.42 4.09 21.43
CA LYS B 115 -10.30 5.06 22.06
C LYS B 115 -10.07 6.45 21.49
N LYS B 116 -9.94 6.50 20.16
CA LYS B 116 -9.81 7.76 19.44
C LYS B 116 -11.14 8.07 18.77
N GLU B 117 -11.33 9.33 18.38
CA GLU B 117 -12.54 9.74 17.70
C GLU B 117 -12.65 9.05 16.35
N GLY B 118 -11.50 8.88 15.66
CA GLY B 118 -11.51 8.36 14.30
C GLY B 118 -10.24 7.60 13.98
N ALA B 119 -10.27 6.94 12.81
CA ALA B 119 -9.14 6.21 12.29
C ALA B 119 -9.16 6.20 10.75
N LEU B 120 -7.98 6.05 10.16
CA LEU B 120 -7.87 6.00 8.70
C LEU B 120 -6.96 4.83 8.36
N VAL B 121 -7.43 4.01 7.42
CA VAL B 121 -6.72 2.83 6.97
C VAL B 121 -5.98 3.18 5.67
N PHE B 122 -4.73 2.74 5.62
CA PHE B 122 -3.87 2.85 4.45
C PHE B 122 -3.47 1.44 4.01
N SER B 123 -2.83 1.35 2.84
CA SER B 123 -2.20 0.16 2.30
C SER B 123 -1.37 -0.62 3.32
N SER B 124 -0.65 0.09 4.18
CA SER B 124 0.35 -0.50 5.05
C SER B 124 0.64 0.53 6.13
N CYS B 125 1.28 0.10 7.24
CA CYS B 125 1.75 1.04 8.24
C CYS B 125 2.93 1.85 7.69
N TYR B 126 3.68 1.29 6.74
CA TYR B 126 4.77 2.01 6.10
C TYR B 126 4.18 3.26 5.46
N VAL B 127 3.12 3.07 4.66
CA VAL B 127 2.47 4.14 3.94
C VAL B 127 1.79 5.12 4.91
N ALA B 128 1.18 4.60 5.97
CA ALA B 128 0.54 5.43 6.97
C ALA B 128 1.56 6.39 7.61
N ASN B 129 2.71 5.83 8.04
CA ASN B 129 3.77 6.59 8.68
C ASN B 129 4.30 7.66 7.70
N ASP B 130 4.59 7.25 6.48
CA ASP B 130 5.10 8.14 5.44
C ASP B 130 4.11 9.28 5.13
N ALA B 131 2.84 8.92 4.91
CA ALA B 131 1.82 9.85 4.53
C ALA B 131 1.53 10.86 5.64
N VAL B 132 1.48 10.40 6.89
CA VAL B 132 1.16 11.30 8.00
C VAL B 132 2.32 12.27 8.27
N LEU B 133 3.54 11.73 8.48
CA LEU B 133 4.73 12.53 8.69
C LEU B 133 4.96 13.52 7.55
N SER B 134 4.85 13.07 6.29
CA SER B 134 4.98 13.95 5.13
C SER B 134 4.00 15.11 5.22
N LEU B 135 2.73 14.83 5.55
CA LEU B 135 1.73 15.88 5.54
C LEU B 135 2.00 16.88 6.67
N LEU B 136 2.41 16.41 7.85
CA LEU B 136 2.64 17.34 8.95
C LEU B 136 3.73 18.35 8.59
N GLY B 137 4.83 17.87 8.01
CA GLY B 137 5.92 18.72 7.50
C GLY B 137 5.50 19.66 6.37
N GLN B 138 4.67 19.18 5.44
CA GLN B 138 4.22 20.02 4.34
C GLN B 138 3.30 21.14 4.82
N LYS B 139 2.52 20.94 5.89
CA LYS B 139 1.49 21.90 6.27
C LYS B 139 1.99 22.85 7.37
N MET B 140 3.03 22.46 8.09
CA MET B 140 3.65 23.33 9.10
C MET B 140 5.10 23.62 8.71
N LYS B 141 5.33 24.73 8.00
CA LYS B 141 6.61 25.03 7.39
C LYS B 141 7.75 25.14 8.41
N ASP B 142 7.44 25.48 9.68
CA ASP B 142 8.50 25.65 10.68
C ASP B 142 8.52 24.49 11.66
N LEU B 143 7.91 23.39 11.27
CA LEU B 143 7.90 22.19 12.09
C LEU B 143 9.33 21.72 12.35
N VAL B 144 9.58 21.32 13.59
CA VAL B 144 10.79 20.62 13.96
C VAL B 144 10.38 19.24 14.46
N ILE B 145 10.98 18.21 13.86
CA ILE B 145 10.70 16.83 14.24
C ILE B 145 11.86 16.32 15.08
N PHE B 146 11.51 15.69 16.20
CA PHE B 146 12.43 15.06 17.12
C PHE B 146 12.18 13.55 17.12
N SER B 147 13.19 12.79 16.69
CA SER B 147 12.98 11.39 16.30
C SER B 147 13.92 10.50 17.10
N ASP B 148 13.41 9.38 17.60
CA ASP B 148 14.23 8.41 18.32
C ASP B 148 15.18 7.74 17.32
N GLU B 149 16.45 7.56 17.68
CA GLU B 149 17.41 7.02 16.75
C GLU B 149 17.05 5.61 16.25
N LEU B 150 16.22 4.82 16.93
CA LEU B 150 16.01 3.46 16.49
C LEU B 150 14.64 3.30 15.83
N ASN B 151 13.98 4.42 15.50
CA ASN B 151 12.71 4.37 14.79
C ASN B 151 12.84 3.56 13.50
N HIS B 152 11.75 2.90 13.12
CA HIS B 152 11.63 2.09 11.91
C HIS B 152 11.93 2.90 10.65
N ALA B 153 12.43 2.22 9.62
CA ALA B 153 12.75 2.82 8.32
C ALA B 153 11.59 3.64 7.78
N SER B 154 10.34 3.19 7.99
CA SER B 154 9.19 3.90 7.47
C SER B 154 9.05 5.28 8.10
N MET B 155 9.44 5.42 9.35
CA MET B 155 9.38 6.70 10.04
C MET B 155 10.51 7.59 9.54
N ILE B 156 11.70 7.01 9.37
CA ILE B 156 12.82 7.78 8.85
C ILE B 156 12.45 8.34 7.48
N VAL B 157 11.80 7.55 6.62
CA VAL B 157 11.46 7.97 5.27
C VAL B 157 10.36 9.02 5.32
N GLY B 158 9.39 8.86 6.25
CA GLY B 158 8.33 9.83 6.44
C GLY B 158 8.89 11.19 6.85
N ILE B 159 9.87 11.15 7.74
CA ILE B 159 10.49 12.35 8.27
C ILE B 159 11.29 13.05 7.15
N LYS B 160 12.02 12.26 6.36
CA LYS B 160 12.75 12.81 5.24
C LYS B 160 11.80 13.46 4.24
N HIS B 161 10.68 12.78 3.93
CA HIS B 161 9.66 13.33 3.02
C HIS B 161 8.98 14.58 3.57
N ALA B 162 8.93 14.70 4.89
CA ALA B 162 8.40 15.91 5.51
C ALA B 162 9.30 17.12 5.19
N ASN B 163 10.62 16.88 5.07
CA ASN B 163 11.59 17.86 4.60
C ASN B 163 11.55 19.12 5.49
N VAL B 164 11.66 18.89 6.78
CA VAL B 164 11.70 19.96 7.78
C VAL B 164 12.93 19.75 8.66
N LYS B 165 13.14 20.63 9.61
CA LYS B 165 14.24 20.44 10.54
C LYS B 165 13.99 19.19 11.41
N LYS B 166 15.06 18.42 11.62
CA LYS B 166 15.03 17.09 12.20
C LYS B 166 16.14 16.97 13.24
N HIS B 167 15.81 16.55 14.46
CA HIS B 167 16.82 16.17 15.44
C HIS B 167 16.62 14.72 15.86
N ILE B 168 17.72 13.94 15.87
CA ILE B 168 17.72 12.57 16.32
C ILE B 168 18.17 12.59 17.77
N PHE B 169 17.39 11.95 18.67
CA PHE B 169 17.87 11.75 20.03
C PHE B 169 18.27 10.29 20.21
N LYS B 170 19.30 10.09 21.03
CA LYS B 170 19.72 8.76 21.42
C LYS B 170 18.52 7.98 21.97
N HIS B 171 18.53 6.68 21.64
CA HIS B 171 17.43 5.77 21.91
C HIS B 171 16.94 5.91 23.35
N ASN B 172 15.69 6.38 23.50
CA ASN B 172 14.99 6.46 24.78
C ASN B 172 15.63 7.47 25.73
N ASP B 173 16.52 8.32 25.22
CA ASP B 173 17.25 9.22 26.11
C ASP B 173 16.48 10.53 26.21
N LEU B 174 15.65 10.63 27.25
CA LEU B 174 14.68 11.71 27.37
C LEU B 174 15.34 12.95 27.95
N ASN B 175 16.53 12.79 28.53
CA ASN B 175 17.37 13.91 28.88
C ASN B 175 17.80 14.63 27.60
N GLU B 176 18.28 13.86 26.61
CA GLU B 176 18.71 14.44 25.36
C GLU B 176 17.50 15.03 24.63
N LEU B 177 16.34 14.33 24.66
CA LEU B 177 15.16 14.85 24.00
C LEU B 177 14.80 16.22 24.60
N GLU B 178 14.78 16.33 25.93
CA GLU B 178 14.37 17.57 26.57
C GLU B 178 15.31 18.72 26.21
N GLN B 179 16.63 18.48 26.25
CA GLN B 179 17.63 19.48 25.87
C GLN B 179 17.36 19.99 24.46
N LEU B 180 17.04 19.10 23.52
CA LEU B 180 16.71 19.50 22.16
C LEU B 180 15.42 20.33 22.11
N LEU B 181 14.38 19.91 22.86
CA LEU B 181 13.09 20.60 22.85
C LEU B 181 13.20 22.00 23.45
N GLN B 182 14.04 22.15 24.49
CA GLN B 182 14.10 23.39 25.24
C GLN B 182 14.93 24.42 24.49
N SER B 183 15.68 23.97 23.48
CA SER B 183 16.52 24.85 22.69
C SER B 183 15.70 25.57 21.63
N TYR B 184 14.40 25.32 21.54
CA TYR B 184 13.51 26.04 20.65
C TYR B 184 12.53 26.85 21.50
N PRO B 185 11.93 27.95 20.99
CA PRO B 185 10.81 28.59 21.68
C PRO B 185 9.61 27.66 21.67
N LYS B 186 8.72 27.83 22.66
CA LYS B 186 7.55 27.00 22.82
C LYS B 186 6.65 27.10 21.59
N SER B 187 6.61 28.28 20.95
CA SER B 187 5.64 28.57 19.90
C SER B 187 6.01 27.93 18.57
N VAL B 188 7.26 27.46 18.42
CA VAL B 188 7.67 26.69 17.26
C VAL B 188 6.96 25.33 17.28
N PRO B 189 6.24 24.98 16.19
CA PRO B 189 5.55 23.69 16.15
C PRO B 189 6.56 22.55 16.13
N LYS B 190 6.25 21.49 16.85
CA LYS B 190 7.15 20.36 17.05
C LYS B 190 6.36 19.05 17.00
N LEU B 191 7.09 18.00 16.66
CA LEU B 191 6.60 16.64 16.64
C LEU B 191 7.66 15.73 17.23
N ILE B 192 7.24 14.90 18.20
CA ILE B 192 8.07 13.84 18.74
C ILE B 192 7.60 12.51 18.15
N ALA B 193 8.50 11.81 17.44
CA ALA B 193 8.16 10.60 16.71
C ALA B 193 8.93 9.43 17.32
N PHE B 194 8.20 8.39 17.76
CA PHE B 194 8.80 7.28 18.49
C PHE B 194 7.90 6.04 18.42
N GLU B 195 8.46 4.89 18.81
CA GLU B 195 7.73 3.64 18.88
C GLU B 195 7.47 3.31 20.35
N SER B 196 6.45 2.49 20.59
CA SER B 196 6.17 2.03 21.96
C SER B 196 7.13 0.89 22.30
N VAL B 197 7.18 -0.12 21.43
CA VAL B 197 8.10 -1.24 21.55
C VAL B 197 9.00 -1.30 20.31
N TYR B 198 10.30 -1.43 20.56
CA TYR B 198 11.31 -1.57 19.53
C TYR B 198 11.64 -3.05 19.36
N SER B 199 11.51 -3.56 18.13
CA SER B 199 11.35 -4.98 17.90
C SER B 199 12.63 -5.78 18.10
N MET B 200 13.79 -5.15 17.97
CA MET B 200 15.02 -5.94 17.89
C MET B 200 15.61 -6.19 19.28
N ALA B 201 15.34 -5.32 20.26
CA ALA B 201 15.80 -5.56 21.63
C ALA B 201 14.63 -5.56 22.63
N GLY B 202 13.44 -5.17 22.20
CA GLY B 202 12.27 -5.19 23.06
C GLY B 202 12.22 -4.03 24.05
N SER B 203 12.98 -2.96 23.81
CA SER B 203 12.96 -1.81 24.69
C SER B 203 11.65 -1.08 24.46
N VAL B 204 11.25 -0.29 25.45
CA VAL B 204 9.92 0.30 25.52
C VAL B 204 10.05 1.79 25.84
N ALA B 205 9.33 2.64 25.10
CA ALA B 205 9.36 4.08 25.35
C ALA B 205 8.62 4.39 26.63
N ASP B 206 9.07 5.44 27.34
CA ASP B 206 8.35 6.03 28.46
C ASP B 206 7.34 7.04 27.92
N ILE B 207 6.21 6.54 27.44
CA ILE B 207 5.23 7.30 26.67
C ILE B 207 4.70 8.44 27.53
N GLU B 208 4.42 8.15 28.80
CA GLU B 208 3.86 9.18 29.67
C GLU B 208 4.81 10.36 29.82
N LYS B 209 6.10 10.08 30.04
CA LYS B 209 7.09 11.13 30.18
C LYS B 209 7.25 11.92 28.87
N ILE B 210 7.17 11.25 27.70
CA ILE B 210 7.24 11.96 26.44
C ILE B 210 6.02 12.88 26.30
N CYS B 211 4.83 12.40 26.66
CA CYS B 211 3.65 13.24 26.70
C CYS B 211 3.85 14.44 27.63
N ASP B 212 4.52 14.24 28.77
CA ASP B 212 4.81 15.33 29.68
C ASP B 212 5.66 16.40 28.98
N LEU B 213 6.71 15.95 28.28
CA LEU B 213 7.61 16.84 27.55
C LEU B 213 6.87 17.55 26.42
N ALA B 214 6.00 16.82 25.73
CA ALA B 214 5.18 17.41 24.67
C ALA B 214 4.34 18.56 25.20
N ASP B 215 3.72 18.39 26.37
CA ASP B 215 2.92 19.44 27.01
C ASP B 215 3.77 20.67 27.29
N LYS B 216 4.95 20.46 27.90
CA LYS B 216 5.80 21.53 28.36
C LYS B 216 6.35 22.33 27.17
N TYR B 217 6.73 21.65 26.08
CA TYR B 217 7.46 22.27 24.97
C TYR B 217 6.58 22.48 23.73
N GLY B 218 5.28 22.23 23.85
CA GLY B 218 4.27 22.50 22.84
C GLY B 218 4.40 21.62 21.61
N ALA B 219 4.65 20.32 21.80
CA ALA B 219 4.83 19.37 20.72
C ALA B 219 3.62 18.45 20.53
N LEU B 220 3.38 18.04 19.28
CA LEU B 220 2.55 16.89 18.96
C LEU B 220 3.35 15.63 19.21
N THR B 221 2.64 14.51 19.51
CA THR B 221 3.28 13.22 19.65
C THR B 221 2.72 12.28 18.59
N PHE B 222 3.65 11.53 17.98
CA PHE B 222 3.36 10.56 16.94
C PHE B 222 3.95 9.23 17.41
N LEU B 223 3.07 8.26 17.66
CA LEU B 223 3.43 7.00 18.28
C LEU B 223 3.13 5.81 17.37
N ASP B 224 4.17 5.03 17.06
CA ASP B 224 4.05 3.79 16.32
C ASP B 224 3.94 2.62 17.34
N GLU B 225 2.76 1.97 17.39
CA GLU B 225 2.52 0.85 18.31
C GLU B 225 2.53 -0.51 17.59
N VAL B 226 3.22 -0.61 16.44
CA VAL B 226 3.23 -1.79 15.60
C VAL B 226 3.60 -3.04 16.41
N HIS B 227 4.60 -2.95 17.30
CA HIS B 227 5.03 -4.12 18.03
C HIS B 227 4.37 -4.26 19.41
N ALA B 228 3.29 -3.51 19.65
CA ALA B 228 2.55 -3.56 20.90
C ALA B 228 1.07 -3.90 20.70
N VAL B 229 0.45 -3.49 19.58
CA VAL B 229 -0.98 -3.71 19.42
C VAL B 229 -1.21 -5.21 19.40
N GLY B 230 -2.27 -5.63 20.12
CA GLY B 230 -2.53 -7.03 20.36
C GLY B 230 -1.96 -7.51 21.70
N LEU B 231 -0.91 -6.85 22.22
CA LEU B 231 -0.01 -7.49 23.16
C LEU B 231 0.05 -6.77 24.52
N TYR B 232 -0.40 -5.50 24.57
CA TYR B 232 -0.28 -4.70 25.78
C TYR B 232 -1.61 -4.00 26.00
N GLY B 233 -1.84 -3.67 27.29
CA GLY B 233 -3.13 -3.17 27.73
C GLY B 233 -4.14 -4.31 27.86
N PRO B 234 -5.26 -4.07 28.58
CA PRO B 234 -6.27 -5.12 28.78
C PRO B 234 -6.91 -5.58 27.48
N HIS B 235 -6.97 -4.67 26.48
CA HIS B 235 -7.67 -4.92 25.21
C HIS B 235 -6.73 -5.04 24.01
N GLY B 236 -5.42 -5.12 24.27
CA GLY B 236 -4.40 -5.17 23.24
C GLY B 236 -4.24 -3.84 22.48
N ALA B 237 -4.60 -2.71 23.11
CA ALA B 237 -4.55 -1.43 22.40
C ALA B 237 -3.13 -0.86 22.41
N GLY B 238 -2.21 -1.49 23.17
CA GLY B 238 -0.80 -1.18 23.13
C GLY B 238 -0.28 -0.65 24.47
N VAL B 239 0.96 -0.16 24.44
CA VAL B 239 1.64 0.28 25.64
C VAL B 239 0.95 1.53 26.20
N ALA B 240 0.47 2.41 25.32
CA ALA B 240 -0.26 3.58 25.79
C ALA B 240 -1.44 3.17 26.67
N GLU B 241 -2.17 2.11 26.28
CA GLU B 241 -3.31 1.63 27.05
C GLU B 241 -2.83 1.06 28.38
N HIS B 242 -1.72 0.32 28.32
CA HIS B 242 -1.12 -0.33 29.47
C HIS B 242 -0.72 0.67 30.55
N CYS B 243 -0.29 1.89 30.15
CA CYS B 243 0.05 2.94 31.10
C CYS B 243 -1.15 3.26 32.00
N ASP B 244 -2.39 3.06 31.53
CA ASP B 244 -3.56 3.23 32.40
C ASP B 244 -4.39 1.94 32.42
N PHE B 245 -3.71 0.83 32.71
CA PHE B 245 -4.26 -0.50 32.57
C PHE B 245 -5.62 -0.62 33.30
N GLU B 246 -5.66 -0.21 34.56
CA GLU B 246 -6.84 -0.40 35.39
C GLU B 246 -7.99 0.50 34.95
N SER B 247 -7.69 1.74 34.56
CA SER B 247 -8.72 2.66 34.09
C SER B 247 -9.38 2.11 32.83
N HIS B 248 -8.56 1.54 31.94
CA HIS B 248 -9.04 1.01 30.67
C HIS B 248 -9.80 -0.30 30.87
N ARG B 249 -9.25 -1.19 31.72
CA ARG B 249 -9.94 -2.44 32.06
C ARG B 249 -11.33 -2.14 32.61
N ALA B 250 -11.40 -1.22 33.58
CA ALA B 250 -12.68 -0.89 34.20
C ALA B 250 -13.66 -0.40 33.14
N SER B 251 -13.22 0.51 32.26
CA SER B 251 -14.15 1.25 31.40
C SER B 251 -14.50 0.47 30.13
N GLY B 252 -13.75 -0.58 29.81
CA GLY B 252 -13.96 -1.36 28.60
C GLY B 252 -13.63 -0.57 27.34
N ILE B 253 -14.61 -0.46 26.41
CA ILE B 253 -14.47 0.33 25.21
C ILE B 253 -14.72 1.82 25.50
N ALA B 254 -15.23 2.16 26.69
CA ALA B 254 -15.50 3.56 27.04
C ALA B 254 -14.23 4.31 27.44
N THR B 255 -14.23 5.63 27.16
CA THR B 255 -13.20 6.52 27.65
C THR B 255 -13.41 6.76 29.16
N PRO B 256 -12.44 6.41 30.03
CA PRO B 256 -12.59 6.62 31.48
C PRO B 256 -12.46 8.11 31.77
N LYS B 257 -13.04 8.56 32.88
CA LYS B 257 -13.00 9.97 33.26
C LYS B 257 -11.80 10.29 34.11
N THR B 258 -11.09 9.26 34.60
CA THR B 258 -9.84 9.47 35.31
C THR B 258 -8.83 8.41 34.88
N ASN B 259 -7.55 8.70 35.16
CA ASN B 259 -6.48 7.80 34.81
C ASN B 259 -6.02 7.09 36.09
N ASP B 260 -5.01 6.24 35.95
CA ASP B 260 -4.59 5.34 37.01
C ASP B 260 -4.01 6.08 38.19
N LYS B 261 -3.50 7.30 37.98
CA LYS B 261 -2.94 8.10 39.06
C LYS B 261 -3.91 9.22 39.45
N GLY B 262 -5.18 9.19 38.99
CA GLY B 262 -6.19 10.08 39.53
C GLY B 262 -6.43 11.33 38.66
N GLY B 263 -5.62 11.47 37.60
CA GLY B 263 -5.70 12.63 36.75
C GLY B 263 -6.81 12.51 35.72
N ALA B 264 -6.92 13.54 34.86
CA ALA B 264 -8.10 13.75 34.05
C ALA B 264 -8.02 12.94 32.75
N LYS B 265 -6.81 12.81 32.18
CA LYS B 265 -6.64 12.28 30.83
C LYS B 265 -5.67 11.11 30.88
N THR B 266 -6.03 10.01 30.19
CA THR B 266 -5.12 8.87 30.10
C THR B 266 -4.01 9.15 29.09
N VAL B 267 -2.90 8.42 29.23
CA VAL B 267 -1.77 8.48 28.32
C VAL B 267 -2.24 8.30 26.89
N MET B 268 -3.07 7.27 26.64
CA MET B 268 -3.45 6.92 25.27
C MET B 268 -4.25 8.09 24.69
N ASP B 269 -4.99 8.75 25.56
CA ASP B 269 -5.80 9.90 25.17
C ASP B 269 -4.92 11.10 24.83
N ARG B 270 -3.79 11.25 25.54
CA ARG B 270 -2.90 12.39 25.34
C ARG B 270 -2.07 12.26 24.06
N VAL B 271 -1.78 11.05 23.57
CA VAL B 271 -1.02 10.87 22.36
C VAL B 271 -1.83 11.38 21.17
N ASP B 272 -1.22 12.25 20.34
CA ASP B 272 -1.99 12.87 19.26
C ASP B 272 -2.32 11.88 18.13
N MET B 273 -1.37 11.04 17.77
CA MET B 273 -1.48 10.19 16.61
C MET B 273 -0.84 8.87 16.98
N ILE B 274 -1.57 7.79 16.70
CA ILE B 274 -1.11 6.45 16.93
C ILE B 274 -1.24 5.70 15.60
N THR B 275 -0.16 5.05 15.21
CA THR B 275 -0.16 4.27 14.00
C THR B 275 0.07 2.82 14.40
N GLY B 276 -0.51 1.95 13.57
CA GLY B 276 -0.23 0.54 13.69
C GLY B 276 -0.34 -0.16 12.34
N THR B 277 -0.04 -1.46 12.38
CA THR B 277 -0.22 -2.33 11.25
C THR B 277 -1.39 -3.29 11.52
N LEU B 278 -1.93 -3.82 10.42
CA LEU B 278 -2.84 -4.94 10.47
C LEU B 278 -2.10 -6.22 10.16
N GLY B 279 -0.77 -6.11 9.93
CA GLY B 279 -0.01 -7.15 9.26
C GLY B 279 0.74 -8.09 10.20
N LYS B 280 0.71 -7.81 11.50
CA LYS B 280 1.51 -8.57 12.44
C LYS B 280 0.52 -9.26 13.41
N SER B 281 0.25 -8.65 14.57
CA SER B 281 -0.64 -9.25 15.57
C SER B 281 -2.01 -9.56 14.93
N PHE B 282 -2.48 -8.65 14.09
CA PHE B 282 -3.86 -8.69 13.62
C PHE B 282 -4.01 -9.54 12.37
N GLY B 283 -2.92 -10.18 11.93
CA GLY B 283 -3.01 -11.37 11.09
C GLY B 283 -3.50 -11.12 9.65
N SER B 284 -3.32 -9.88 9.18
CA SER B 284 -3.83 -9.48 7.89
C SER B 284 -2.79 -8.63 7.14
N VAL B 285 -3.21 -7.51 6.54
CA VAL B 285 -2.31 -6.52 5.94
C VAL B 285 -2.99 -5.17 6.06
N GLY B 286 -2.18 -4.11 6.14
CA GLY B 286 -2.70 -2.76 6.08
C GLY B 286 -2.09 -1.96 7.22
N GLY B 287 -2.35 -0.67 7.20
CA GLY B 287 -1.94 0.16 8.31
C GLY B 287 -2.99 1.19 8.61
N TYR B 288 -2.73 1.96 9.66
CA TYR B 288 -3.72 2.94 10.09
C TYR B 288 -3.06 4.01 10.96
N VAL B 289 -3.79 5.11 11.10
CA VAL B 289 -3.57 6.08 12.16
C VAL B 289 -4.89 6.28 12.86
N ALA B 290 -4.82 6.43 14.17
CA ALA B 290 -5.97 6.77 15.01
C ALA B 290 -5.68 8.09 15.71
N ALA B 291 -6.65 9.00 15.69
CA ALA B 291 -6.47 10.37 16.16
C ALA B 291 -7.83 11.04 16.28
N SER B 292 -7.85 12.32 16.67
CA SER B 292 -9.06 13.12 16.70
C SER B 292 -9.71 13.17 15.31
N ARG B 293 -11.01 13.46 15.30
CA ARG B 293 -11.79 13.60 14.10
C ARG B 293 -11.08 14.59 13.17
N LYS B 294 -10.60 15.71 13.74
CA LYS B 294 -10.05 16.80 12.94
C LYS B 294 -8.75 16.36 12.26
N LEU B 295 -7.86 15.67 12.99
CA LEU B 295 -6.66 15.12 12.38
C LEU B 295 -7.01 14.13 11.28
N ILE B 296 -7.98 13.22 11.54
CA ILE B 296 -8.33 12.17 10.58
C ILE B 296 -8.93 12.79 9.31
N ASP B 297 -9.82 13.77 9.47
CA ASP B 297 -10.44 14.44 8.33
C ASP B 297 -9.39 15.17 7.47
N TRP B 298 -8.36 15.70 8.12
CA TRP B 298 -7.28 16.44 7.49
C TRP B 298 -6.40 15.50 6.68
N PHE B 299 -6.03 14.36 7.28
CA PHE B 299 -5.24 13.38 6.58
C PHE B 299 -6.00 12.89 5.34
N ARG B 300 -7.30 12.66 5.52
CA ARG B 300 -8.14 12.07 4.48
C ARG B 300 -8.28 13.05 3.33
N SER B 301 -8.33 14.35 3.66
CA SER B 301 -8.54 15.41 2.69
C SER B 301 -7.30 15.74 1.85
N PHE B 302 -6.09 15.45 2.35
CA PHE B 302 -4.87 16.06 1.80
C PHE B 302 -3.76 15.05 1.51
N ALA B 303 -3.84 13.79 1.96
CA ALA B 303 -2.73 12.87 1.79
C ALA B 303 -2.79 12.11 0.45
N PRO B 304 -1.86 12.35 -0.52
CA PRO B 304 -1.92 11.64 -1.80
C PRO B 304 -1.71 10.11 -1.73
N GLY B 305 -0.93 9.62 -0.76
CA GLY B 305 -0.68 8.20 -0.62
C GLY B 305 -1.89 7.46 -0.05
N PHE B 306 -2.93 8.22 0.33
CA PHE B 306 -4.24 7.65 0.60
C PHE B 306 -5.10 7.72 -0.66
N ILE B 307 -5.22 8.93 -1.21
CA ILE B 307 -6.21 9.26 -2.23
C ILE B 307 -5.89 8.49 -3.51
N PHE B 308 -4.60 8.31 -3.83
CA PHE B 308 -4.23 7.82 -5.15
C PHE B 308 -3.82 6.34 -5.13
N THR B 309 -4.40 5.53 -4.22
CA THR B 309 -4.26 4.07 -4.20
C THR B 309 -5.60 3.33 -4.07
N THR B 310 -5.63 2.10 -4.58
CA THR B 310 -6.80 1.22 -4.56
C THR B 310 -7.06 0.83 -3.13
N THR B 311 -8.33 0.86 -2.70
CA THR B 311 -8.75 0.36 -1.39
C THR B 311 -8.33 -1.11 -1.21
N LEU B 312 -7.94 -1.47 0.02
CA LEU B 312 -7.65 -2.85 0.35
C LEU B 312 -8.85 -3.75 0.06
N PRO B 313 -8.63 -5.04 -0.26
CA PRO B 313 -9.74 -5.96 -0.51
C PRO B 313 -10.67 -6.03 0.68
N PRO B 314 -12.01 -6.04 0.47
CA PRO B 314 -12.96 -6.14 1.57
C PRO B 314 -12.67 -7.33 2.50
N SER B 315 -12.19 -8.44 1.92
CA SER B 315 -11.97 -9.67 2.67
C SER B 315 -10.83 -9.51 3.69
N VAL B 316 -9.80 -8.79 3.27
CA VAL B 316 -8.64 -8.50 4.09
C VAL B 316 -9.03 -7.57 5.24
N MET B 317 -9.93 -6.63 4.95
CA MET B 317 -10.39 -5.71 5.95
C MET B 317 -11.28 -6.42 6.97
N ALA B 318 -12.23 -7.22 6.47
CA ALA B 318 -13.09 -8.05 7.30
C ALA B 318 -12.27 -8.97 8.23
N GLY B 319 -11.24 -9.62 7.70
CA GLY B 319 -10.36 -10.46 8.50
C GLY B 319 -9.70 -9.70 9.65
N ALA B 320 -9.13 -8.52 9.32
CA ALA B 320 -8.47 -7.70 10.30
C ALA B 320 -9.48 -7.29 11.38
N THR B 321 -10.68 -6.89 10.95
CA THR B 321 -11.74 -6.49 11.85
C THR B 321 -12.06 -7.61 12.83
N ALA B 322 -12.23 -8.84 12.31
CA ALA B 322 -12.56 -9.99 13.16
C ALA B 322 -11.42 -10.24 14.15
N ALA B 323 -10.16 -10.07 13.69
CA ALA B 323 -9.01 -10.33 14.53
C ALA B 323 -8.97 -9.32 15.68
N ILE B 324 -9.21 -8.06 15.35
CA ILE B 324 -9.20 -7.01 16.37
C ILE B 324 -10.32 -7.24 17.39
N ARG B 325 -11.55 -7.52 16.91
CA ARG B 325 -12.69 -7.78 17.78
C ARG B 325 -12.39 -8.93 18.76
N TYR B 326 -11.88 -10.03 18.21
CA TYR B 326 -11.57 -11.22 18.99
C TYR B 326 -10.53 -10.91 20.09
N GLN B 327 -9.40 -10.36 19.68
CA GLN B 327 -8.27 -10.14 20.55
C GLN B 327 -8.61 -9.15 21.67
N ARG B 328 -9.47 -8.16 21.39
CA ARG B 328 -9.92 -7.17 22.36
C ARG B 328 -10.55 -7.85 23.60
N CYS B 329 -11.33 -8.91 23.37
CA CYS B 329 -12.02 -9.52 24.49
C CYS B 329 -11.34 -10.81 24.93
N HIS B 330 -10.12 -11.10 24.48
CA HIS B 330 -9.41 -12.29 24.90
C HIS B 330 -8.06 -11.94 25.50
N ILE B 331 -8.10 -11.46 26.74
CA ILE B 331 -6.90 -11.06 27.45
C ILE B 331 -6.01 -12.29 27.69
N ASP B 332 -6.59 -13.50 27.63
CA ASP B 332 -5.84 -14.74 27.79
C ASP B 332 -4.73 -14.90 26.74
N LEU B 333 -4.95 -14.33 25.54
CA LEU B 333 -3.93 -14.24 24.50
C LEU B 333 -2.67 -13.61 25.07
N ARG B 334 -2.84 -12.45 25.72
CA ARG B 334 -1.71 -11.68 26.20
C ARG B 334 -1.07 -12.35 27.42
N THR B 335 -1.90 -12.69 28.39
CA THR B 335 -1.38 -13.27 29.63
C THR B 335 -0.62 -14.55 29.28
N SER B 336 -1.13 -15.32 28.30
CA SER B 336 -0.47 -16.56 27.94
C SER B 336 0.86 -16.28 27.21
N GLN B 337 0.88 -15.34 26.25
CA GLN B 337 2.12 -14.93 25.59
C GLN B 337 3.17 -14.51 26.62
N GLN B 338 2.75 -13.66 27.58
CA GLN B 338 3.66 -13.07 28.54
C GLN B 338 4.24 -14.14 29.47
N LYS B 339 3.40 -15.10 29.86
CA LYS B 339 3.83 -16.20 30.71
C LYS B 339 4.83 -17.10 29.99
N HIS B 340 4.59 -17.36 28.71
CA HIS B 340 5.50 -18.18 27.90
C HIS B 340 6.85 -17.49 27.77
N THR B 341 6.83 -16.18 27.51
CA THR B 341 8.02 -15.37 27.41
C THR B 341 8.83 -15.41 28.69
N MET B 342 8.14 -15.15 29.82
CA MET B 342 8.76 -15.14 31.14
C MET B 342 9.33 -16.52 31.48
N TYR B 343 8.66 -17.59 31.02
CA TYR B 343 9.11 -18.95 31.21
C TYR B 343 10.42 -19.19 30.47
N VAL B 344 10.49 -18.75 29.21
CA VAL B 344 11.69 -18.90 28.40
C VAL B 344 12.82 -18.05 28.99
N LYS B 345 12.51 -16.81 29.40
CA LYS B 345 13.51 -15.89 29.92
C LYS B 345 14.09 -16.41 31.23
N LYS B 346 13.24 -16.89 32.15
CA LYS B 346 13.72 -17.36 33.44
C LYS B 346 14.65 -18.56 33.24
N ALA B 347 14.31 -19.45 32.31
CA ALA B 347 15.13 -20.61 32.03
C ALA B 347 16.49 -20.19 31.47
N PHE B 348 16.46 -19.30 30.48
CA PHE B 348 17.68 -18.75 29.88
C PHE B 348 18.53 -18.05 30.94
N HIS B 349 17.89 -17.34 31.87
CA HIS B 349 18.62 -16.62 32.91
C HIS B 349 19.44 -17.59 33.75
N GLU B 350 18.81 -18.70 34.17
CA GLU B 350 19.47 -19.65 35.07
C GLU B 350 20.54 -20.44 34.31
N LEU B 351 20.40 -20.57 32.98
CA LEU B 351 21.43 -21.22 32.18
C LEU B 351 22.52 -20.23 31.75
N GLY B 352 22.34 -18.95 32.08
CA GLY B 352 23.28 -17.92 31.68
C GLY B 352 23.26 -17.66 30.17
N ILE B 353 22.14 -17.96 29.51
CA ILE B 353 22.01 -17.64 28.09
C ILE B 353 21.65 -16.15 27.98
N PRO B 354 22.46 -15.35 27.27
CA PRO B 354 22.39 -13.88 27.34
C PRO B 354 21.25 -13.32 26.50
N VAL B 355 20.14 -13.10 27.19
CA VAL B 355 18.99 -12.38 26.70
C VAL B 355 19.21 -10.90 26.99
N ILE B 356 19.04 -10.05 25.97
CA ILE B 356 19.08 -8.61 26.16
C ILE B 356 17.90 -8.24 27.05
N PRO B 357 18.13 -7.68 28.26
CA PRO B 357 17.04 -7.48 29.22
C PRO B 357 16.07 -6.45 28.68
N ASN B 358 14.78 -6.74 28.84
CA ASN B 358 13.74 -5.92 28.27
C ASN B 358 12.46 -6.27 29.02
N PRO B 359 11.52 -5.31 29.16
CA PRO B 359 10.24 -5.60 29.82
C PRO B 359 9.08 -6.04 28.93
N SER B 360 9.40 -6.53 27.70
CA SER B 360 8.40 -6.83 26.69
C SER B 360 8.33 -8.35 26.40
N HIS B 361 7.70 -8.71 25.27
CA HIS B 361 7.49 -10.10 24.88
C HIS B 361 8.65 -10.67 24.04
N ILE B 362 9.72 -9.90 23.83
CA ILE B 362 10.76 -10.33 22.92
C ILE B 362 11.95 -10.88 23.69
N VAL B 363 12.52 -11.97 23.15
CA VAL B 363 13.66 -12.66 23.73
C VAL B 363 14.83 -12.56 22.75
N PRO B 364 15.61 -11.45 22.75
CA PRO B 364 16.79 -11.36 21.90
C PRO B 364 18.00 -12.01 22.58
N VAL B 365 18.48 -13.11 22.01
CA VAL B 365 19.64 -13.81 22.52
C VAL B 365 20.87 -13.23 21.83
N LEU B 366 21.73 -12.57 22.61
CA LEU B 366 22.93 -11.92 22.11
C LEU B 366 23.97 -12.97 21.73
N ILE B 367 24.49 -12.88 20.49
CA ILE B 367 25.58 -13.73 20.04
C ILE B 367 26.85 -12.88 19.90
N GLY B 368 26.73 -11.76 19.18
CA GLY B 368 27.81 -10.82 19.01
C GLY B 368 28.74 -11.14 17.85
N ASN B 369 28.29 -12.02 16.95
CA ASN B 369 29.06 -12.40 15.78
C ASN B 369 28.10 -12.87 14.69
N ALA B 370 28.20 -12.27 13.51
CA ALA B 370 27.25 -12.49 12.42
C ALA B 370 27.34 -13.94 11.93
N ASP B 371 28.57 -14.45 11.74
CA ASP B 371 28.76 -15.82 11.25
C ASP B 371 28.21 -16.83 12.26
N LEU B 372 28.47 -16.62 13.55
CA LEU B 372 28.03 -17.52 14.61
C LEU B 372 26.51 -17.43 14.82
N ALA B 373 25.94 -16.23 14.64
CA ALA B 373 24.50 -16.04 14.79
C ALA B 373 23.77 -16.78 13.67
N LYS B 374 24.29 -16.69 12.44
CA LYS B 374 23.69 -17.37 11.29
C LYS B 374 23.86 -18.89 11.44
N GLN B 375 25.02 -19.30 11.95
CA GLN B 375 25.30 -20.71 12.14
C GLN B 375 24.43 -21.32 13.26
N ALA B 376 24.09 -20.51 14.27
CA ALA B 376 23.24 -20.99 15.36
C ALA B 376 21.83 -21.30 14.88
N SER B 377 21.22 -20.40 14.10
CA SER B 377 19.87 -20.66 13.63
C SER B 377 19.90 -21.72 12.53
N ASP B 378 21.05 -21.89 11.88
CA ASP B 378 21.26 -22.97 10.93
C ASP B 378 21.21 -24.35 11.60
N ILE B 379 21.79 -24.47 12.81
CA ILE B 379 21.76 -25.72 13.56
C ILE B 379 20.39 -25.93 14.22
N LEU B 380 19.78 -24.85 14.74
CA LEU B 380 18.45 -24.91 15.32
C LEU B 380 17.45 -25.49 14.32
N ILE B 381 17.54 -25.06 13.05
CA ILE B 381 16.60 -25.51 12.04
C ILE B 381 16.93 -26.95 11.62
N ASN B 382 18.21 -27.27 11.33
CA ASN B 382 18.55 -28.56 10.74
C ASN B 382 18.51 -29.69 11.76
N LYS B 383 19.01 -29.41 12.98
CA LYS B 383 19.18 -30.45 13.99
C LYS B 383 18.01 -30.48 14.97
N HIS B 384 17.31 -29.36 15.17
CA HIS B 384 16.28 -29.31 16.20
C HIS B 384 14.91 -28.93 15.62
N GLN B 385 14.85 -28.72 14.30
CA GLN B 385 13.63 -28.28 13.62
C GLN B 385 12.96 -27.12 14.36
N ILE B 386 13.79 -26.14 14.75
CA ILE B 386 13.34 -24.89 15.34
C ILE B 386 13.77 -23.74 14.43
N TYR B 387 12.82 -22.86 14.10
CA TYR B 387 13.11 -21.67 13.34
C TYR B 387 13.22 -20.46 14.28
N VAL B 388 14.39 -19.82 14.19
CA VAL B 388 14.72 -18.59 14.88
C VAL B 388 15.50 -17.71 13.88
N GLN B 389 15.29 -16.39 13.93
CA GLN B 389 15.88 -15.48 12.96
C GLN B 389 17.18 -14.90 13.50
N ALA B 390 18.26 -15.07 12.73
CA ALA B 390 19.52 -14.39 12.97
C ALA B 390 19.41 -12.93 12.50
N ILE B 391 19.80 -11.98 13.38
CA ILE B 391 19.71 -10.56 13.12
C ILE B 391 21.12 -9.97 13.11
N ASN B 392 21.51 -9.34 11.99
CA ASN B 392 22.85 -8.81 11.81
C ASN B 392 22.80 -7.35 11.38
N PHE B 393 23.97 -6.75 11.20
CA PHE B 393 24.10 -5.46 10.52
C PHE B 393 23.56 -5.62 9.10
N PRO B 394 22.83 -4.64 8.52
CA PRO B 394 22.56 -3.35 9.16
C PRO B 394 21.30 -3.23 10.03
N THR B 395 20.64 -4.34 10.34
CA THR B 395 19.44 -4.26 11.16
C THR B 395 19.81 -3.78 12.57
N VAL B 396 20.94 -4.28 13.07
CA VAL B 396 21.49 -3.92 14.38
C VAL B 396 22.97 -3.58 14.19
N ALA B 397 23.59 -3.06 15.26
CA ALA B 397 24.99 -2.69 15.22
C ALA B 397 25.85 -3.93 15.09
N ARG B 398 26.92 -3.83 14.29
CA ARG B 398 27.99 -4.82 14.25
C ARG B 398 28.47 -5.06 15.67
N GLY B 399 28.62 -6.33 16.05
CA GLY B 399 29.00 -6.69 17.40
C GLY B 399 27.79 -7.07 18.26
N THR B 400 26.59 -6.62 17.90
CA THR B 400 25.40 -6.87 18.69
C THR B 400 24.48 -7.87 18.01
N GLU B 401 25.04 -8.69 17.09
CA GLU B 401 24.24 -9.67 16.36
C GLU B 401 23.56 -10.60 17.36
N ARG B 402 22.38 -11.12 16.99
CA ARG B 402 21.54 -11.84 17.94
C ARG B 402 20.59 -12.79 17.22
N LEU B 403 20.03 -13.73 18.00
CA LEU B 403 18.86 -14.51 17.59
C LEU B 403 17.61 -13.87 18.18
N ARG B 404 16.58 -13.74 17.35
CA ARG B 404 15.32 -13.15 17.76
C ARG B 404 14.30 -14.27 18.00
N ILE B 405 13.73 -14.28 19.21
CA ILE B 405 12.73 -15.26 19.60
C ILE B 405 11.51 -14.51 20.13
N THR B 406 10.33 -14.90 19.61
CA THR B 406 9.07 -14.27 19.94
C THR B 406 8.09 -15.36 20.38
N PRO B 407 8.02 -15.71 21.68
CA PRO B 407 7.01 -16.64 22.18
C PRO B 407 5.59 -16.13 21.94
N THR B 408 4.68 -17.08 21.70
CA THR B 408 3.29 -16.78 21.36
C THR B 408 2.39 -17.49 22.35
N PRO B 409 1.06 -17.24 22.31
CA PRO B 409 0.11 -18.04 23.07
C PRO B 409 0.23 -19.54 22.79
N GLY B 410 0.67 -19.91 21.58
CA GLY B 410 0.75 -21.30 21.15
C GLY B 410 1.96 -22.07 21.70
N HIS B 411 2.95 -21.37 22.26
CA HIS B 411 4.16 -22.00 22.74
C HIS B 411 3.99 -22.44 24.19
N THR B 412 3.36 -23.61 24.40
CA THR B 412 3.20 -24.15 25.74
C THR B 412 4.58 -24.58 26.28
N ASN B 413 4.62 -24.90 27.59
CA ASN B 413 5.86 -25.10 28.32
C ASN B 413 6.62 -26.31 27.79
N ASP B 414 5.90 -27.27 27.18
CA ASP B 414 6.53 -28.46 26.63
C ASP B 414 7.34 -28.07 25.38
N LEU B 415 6.80 -27.15 24.55
CA LEU B 415 7.52 -26.65 23.39
C LEU B 415 8.69 -25.76 23.83
N SER B 416 8.45 -24.90 24.82
CA SER B 416 9.48 -24.08 25.43
C SER B 416 10.65 -24.92 25.95
N ASP B 417 10.34 -26.10 26.52
CA ASP B 417 11.35 -27.00 27.05
C ASP B 417 12.25 -27.52 25.93
N ILE B 418 11.66 -27.77 24.75
CA ILE B 418 12.41 -28.19 23.57
C ILE B 418 13.29 -27.05 23.06
N LEU B 419 12.79 -25.82 23.17
CA LEU B 419 13.53 -24.64 22.71
C LEU B 419 14.73 -24.36 23.62
N ILE B 420 14.51 -24.48 24.94
CA ILE B 420 15.56 -24.20 25.91
C ILE B 420 16.70 -25.20 25.76
N ASN B 421 16.36 -26.50 25.63
CA ASN B 421 17.36 -27.55 25.50
C ASN B 421 18.13 -27.35 24.20
N ALA B 422 17.41 -27.08 23.10
CA ALA B 422 18.04 -26.91 21.80
C ALA B 422 19.00 -25.72 21.81
N VAL B 423 18.59 -24.59 22.37
CA VAL B 423 19.41 -23.39 22.36
C VAL B 423 20.64 -23.60 23.23
N ASP B 424 20.45 -24.21 24.42
CA ASP B 424 21.53 -24.56 25.32
C ASP B 424 22.54 -25.47 24.63
N ASP B 425 22.02 -26.40 23.81
CA ASP B 425 22.85 -27.35 23.09
C ASP B 425 23.70 -26.62 22.04
N VAL B 426 23.10 -25.62 21.38
CA VAL B 426 23.78 -24.86 20.33
C VAL B 426 24.85 -23.96 20.94
N PHE B 427 24.52 -23.30 22.07
CA PHE B 427 25.50 -22.52 22.79
C PHE B 427 26.74 -23.36 23.11
N ASN B 428 26.53 -24.62 23.53
CA ASN B 428 27.62 -25.50 23.87
C ASN B 428 28.35 -26.00 22.62
N GLU B 429 27.61 -26.24 21.54
CA GLU B 429 28.22 -26.77 20.32
C GLU B 429 29.12 -25.71 19.69
N LEU B 430 28.63 -24.47 19.60
CA LEU B 430 29.38 -23.37 19.00
C LEU B 430 30.19 -22.60 20.04
N GLN B 431 30.12 -23.03 21.32
CA GLN B 431 30.91 -22.46 22.39
C GLN B 431 30.71 -20.94 22.47
N LEU B 432 29.45 -20.50 22.37
CA LEU B 432 29.09 -19.09 22.35
C LEU B 432 29.26 -18.48 23.74
N PRO B 433 29.48 -17.15 23.86
CA PRO B 433 29.64 -16.52 25.18
C PRO B 433 28.34 -16.53 25.96
N ARG B 434 28.45 -16.66 27.29
CA ARG B 434 27.31 -16.62 28.17
C ARG B 434 27.36 -15.33 28.99
N VAL B 435 26.34 -15.13 29.85
CA VAL B 435 26.10 -13.89 30.57
C VAL B 435 27.38 -13.38 31.23
N ARG B 436 28.13 -14.27 31.92
CA ARG B 436 29.29 -13.89 32.70
C ARG B 436 30.42 -13.42 31.80
N ASP B 437 30.44 -13.91 30.54
CA ASP B 437 31.49 -13.57 29.60
C ASP B 437 31.33 -12.10 29.19
N TRP B 438 30.09 -11.73 28.93
CA TRP B 438 29.74 -10.37 28.57
C TRP B 438 30.01 -9.44 29.78
N SER B 456 11.76 -3.82 34.62
CA SER B 456 10.89 -4.97 34.95
C SER B 456 9.68 -4.96 34.03
N ASN B 457 8.97 -6.09 33.98
CA ASN B 457 8.04 -6.36 32.90
C ASN B 457 6.88 -5.38 32.95
N LEU B 458 6.41 -4.93 31.79
CA LEU B 458 5.19 -4.13 31.73
C LEU B 458 4.01 -4.88 32.37
N TRP B 459 3.90 -6.19 32.14
CA TRP B 459 2.83 -7.01 32.70
C TRP B 459 3.20 -7.41 34.13
N THR B 460 2.39 -6.96 35.10
CA THR B 460 2.62 -7.30 36.51
C THR B 460 1.97 -8.65 36.80
N SER B 461 2.27 -9.27 37.92
CA SER B 461 1.63 -10.54 38.24
C SER B 461 0.14 -10.32 38.53
N SER B 462 -0.23 -9.20 39.14
CA SER B 462 -1.61 -8.74 39.20
C SER B 462 -2.30 -8.77 37.82
N GLN B 463 -1.72 -8.11 36.80
CA GLN B 463 -2.31 -8.05 35.47
C GLN B 463 -2.37 -9.44 34.83
N LEU B 464 -1.37 -10.28 35.12
CA LEU B 464 -1.24 -11.59 34.52
C LEU B 464 -2.26 -12.58 35.05
N SER B 465 -2.84 -12.30 36.23
CA SER B 465 -3.83 -13.16 36.83
C SER B 465 -5.23 -12.78 36.37
N LEU B 466 -5.38 -11.75 35.54
CA LEU B 466 -6.70 -11.45 35.00
C LEU B 466 -7.08 -12.49 33.94
N THR B 467 -8.38 -12.69 33.80
CA THR B 467 -8.97 -13.59 32.84
C THR B 467 -10.00 -12.80 32.04
N ASN B 468 -10.68 -13.46 31.09
CA ASN B 468 -11.54 -12.77 30.13
C ASN B 468 -12.74 -12.13 30.83
N ASP B 469 -13.23 -12.77 31.89
CA ASP B 469 -14.40 -12.24 32.57
C ASP B 469 -14.04 -11.07 33.47
N ASP B 470 -12.77 -10.68 33.57
CA ASP B 470 -12.41 -9.46 34.28
C ASP B 470 -12.60 -8.22 33.41
N LEU B 471 -12.97 -8.42 32.14
CA LEU B 471 -13.14 -7.31 31.21
C LEU B 471 -14.57 -6.81 31.35
N ASN B 472 -14.80 -5.56 30.97
CA ASN B 472 -16.12 -4.97 30.93
C ASN B 472 -16.95 -5.69 29.88
N PRO B 473 -18.20 -6.11 30.16
CA PRO B 473 -19.05 -6.72 29.15
C PRO B 473 -19.24 -5.90 27.87
N ASN B 474 -19.02 -4.59 27.94
CA ASN B 474 -19.19 -3.73 26.78
C ASN B 474 -18.12 -3.99 25.68
N VAL B 475 -17.07 -4.79 25.97
CA VAL B 475 -16.07 -5.15 24.98
C VAL B 475 -16.61 -6.10 23.91
N ARG B 476 -17.84 -6.62 24.04
CA ARG B 476 -18.48 -7.44 23.02
C ARG B 476 -19.64 -6.71 22.37
N ASP B 477 -19.86 -5.45 22.72
CA ASP B 477 -20.87 -4.64 22.04
C ASP B 477 -20.75 -4.83 20.52
N1 PLP C . -0.53 4.70 -11.98
C2 PLP C . -1.74 5.04 -12.45
C2A PLP C . -1.81 5.66 -13.81
C3 PLP C . -2.90 4.83 -11.68
O3 PLP C . -4.17 5.16 -12.13
C4 PLP C . -2.79 4.23 -10.41
C4A PLP C . -3.99 4.01 -9.59
O4A PLP C . -5.04 4.61 -9.65
C5 PLP C . -1.52 3.88 -9.94
C6 PLP C . -0.44 4.12 -10.76
C5A PLP C . -1.35 3.23 -8.60
O4P PLP C . -2.00 1.92 -8.61
P PLP C . -2.53 1.23 -7.22
O1P PLP C . -3.99 1.65 -7.06
O2P PLP C . -1.66 1.83 -6.12
O3P PLP C . -2.29 -0.28 -7.35
C1 GOL D . 7.98 -3.21 -33.22
O1 GOL D . 9.31 -3.50 -32.81
C2 GOL D . 7.92 -1.99 -34.09
O2 GOL D . 8.98 -2.09 -35.05
C3 GOL D . 6.57 -1.81 -34.75
O3 GOL D . 5.91 -3.07 -34.92
C1 GOL E . 13.81 5.62 -1.51
O1 GOL E . 15.04 5.27 -2.18
C2 GOL E . 13.95 6.78 -0.53
O2 GOL E . 14.77 7.80 -1.10
C3 GOL E . 12.63 7.38 -0.09
O3 GOL E . 11.73 7.69 -1.15
C1 GOL F . 12.28 14.29 -1.30
O1 GOL F . 13.22 13.73 -0.38
C2 GOL F . 11.94 15.74 -0.98
O2 GOL F . 12.05 16.64 -2.11
C3 GOL F . 10.57 15.84 -0.34
O3 GOL F . 9.96 14.56 -0.14
N1 PLP G . 6.51 0.13 11.99
C2 PLP G . 7.29 -0.76 12.61
C2A PLP G . 7.93 -0.41 13.91
C3 PLP G . 7.46 -2.03 12.10
O3 PLP G . 8.28 -2.86 12.84
C4 PLP G . 6.90 -2.40 10.86
C4A PLP G . 6.90 -3.83 10.46
C5 PLP G . 6.10 -1.45 10.23
C6 PLP G . 6.06 -0.18 10.75
C5A PLP G . 5.66 -1.64 8.80
O4P PLP G . 4.23 -1.94 8.73
P PLP G . 3.61 -2.66 7.43
O1P PLP G . 2.14 -2.53 7.61
O2P PLP G . 4.04 -1.76 6.27
O3P PLP G . 4.27 -4.01 7.45
C1 GOL H . -15.76 -11.62 18.52
O1 GOL H . -14.88 -12.68 18.89
C2 GOL H . -16.59 -11.19 19.71
O2 GOL H . -15.76 -11.23 20.86
C3 GOL H . -17.20 -9.81 19.57
O3 GOL H . -18.59 -9.85 19.85
C ACT I . -16.06 -15.61 20.74
O ACT I . -16.91 -15.77 19.83
OXT ACT I . -15.74 -14.49 21.26
CH3 ACT I . -15.36 -16.85 21.24
C ACT J . 15.50 29.26 23.55
O ACT J . 14.54 30.01 23.29
OXT ACT J . 16.36 28.91 22.70
CH3 ACT J . 15.66 28.71 24.99
#